data_6TE3
#
_entry.id   6TE3
#
_cell.length_a   96.995
_cell.length_b   100.035
_cell.length_c   225.208
_cell.angle_alpha   90.000
_cell.angle_beta   90.000
_cell.angle_gamma   90.000
#
_symmetry.space_group_name_H-M   'C 2 2 21'
#
loop_
_entity.id
_entity.type
_entity.pdbx_description
1 polymer 'Procollagen-lysine,2-oxoglutarate 5-dioxygenase 3'
2 branched 2-acetamido-2-deoxy-beta-D-glucopyranose-(1-4)-2-acetamido-2-deoxy-beta-D-glucopyranose
3 non-polymer GLYCEROL
4 non-polymer '2-OXOGLUTARIC ACID'
5 non-polymer 'FE (II) ION'
6 non-polymer 'MANGANESE (II) ION'
7 non-polymer 2-acetamido-2-deoxy-beta-D-glucopyranose
8 water water
#
_entity_poly.entity_id   1
_entity_poly.type   'polypeptide(L)'
_entity_poly.pdbx_seq_one_letter_code
;SSDRPRGRDPVNPEKLLVITVATAETEGYLRFLRSAEFFNYTVRTLGLGEEWRGGDVARTVGGGQKVRWLKKEMEKYADR
EDMIIMFVDSYDVILAGSPTELLKKFVQSGSRLLFSAESFCWPEWGLAEQYPEVGTGKRFLNSGGFIGFATTIHQIVRQW
KYKDDDDDQLFYTRLYLDPGLREKLSLNLDHKSRIFQNLNGALDEVVLKFDRNRVRIRNVAYDTLPIVVHGNGPTKLQLN
YLGNYVPNGWTPEGGCGFCNQDRRTLPGGQPPPRVFLAVFVEQPTPFLPRFLQRLLLLDYPPDRVTLFLHNNEVFHEPHI
ADSWPQLQDHFSAVKLVGPEEALSPGEARDMAMDLCRQDPECEFYFSLDADAVLTNLQTLRILIEENRKVIAPMLSRHGK
LWSNFWGALSPDEYYARSEDYVELVQRKRVGVWNVPYISQAYVIRGDTLRMELPQRDVFSGSDTDPDMAFCKSFRDKGIF
LHLSNQHEFGRLLATSRYDTEHLHPDLWQIFDNPVDWKEQYIHENYSRALEGEGIVEQPCPDVYWFPLLSEQMCDELVAE
MEHYGQWSGGRHEDSRLAGGYENVPTVDIHMKQVGYEDQWLQLLRTYVGPMTESLFPGYHTKARAVMNFVVRYRPDEQPS
LRPHHDSSTFTLNVALNHKGLDYEGGGCRFLRYDCVISSPRKGWALLHPGRLTHYHEGLPTTWGTRYIMVSFVDPAAA
;
_entity_poly.pdbx_strand_id   A
#
loop_
_chem_comp.id
_chem_comp.type
_chem_comp.name
_chem_comp.formula
AKG non-polymer '2-OXOGLUTARIC ACID' 'C5 H6 O5'
FE2 non-polymer 'FE (II) ION' 'Fe 2'
GOL non-polymer GLYCEROL 'C3 H8 O3'
MN non-polymer 'MANGANESE (II) ION' 'Mn 2'
NAG D-saccharide, beta linking 2-acetamido-2-deoxy-beta-D-glucopyranose 'C8 H15 N O6'
#
# COMPACT_ATOMS: atom_id res chain seq x y z
N PRO A 10 -11.37 34.81 -35.59
CA PRO A 10 -10.49 34.01 -34.72
C PRO A 10 -9.75 34.85 -33.67
N VAL A 11 -10.19 34.76 -32.41
CA VAL A 11 -9.64 35.60 -31.35
C VAL A 11 -8.21 35.18 -31.05
N ASN A 12 -7.35 36.16 -30.85
CA ASN A 12 -5.93 35.92 -30.69
C ASN A 12 -5.65 35.36 -29.30
N PRO A 13 -5.01 34.19 -29.17
CA PRO A 13 -4.69 33.67 -27.83
C PRO A 13 -3.78 34.58 -27.01
N GLU A 14 -2.92 35.37 -27.64
CA GLU A 14 -2.09 36.30 -26.88
C GLU A 14 -2.90 37.46 -26.31
N LYS A 15 -4.18 37.57 -26.65
CA LYS A 15 -5.09 38.55 -26.07
C LYS A 15 -5.91 37.98 -24.92
N LEU A 16 -5.72 36.71 -24.57
CA LEU A 16 -6.45 36.07 -23.47
C LEU A 16 -5.56 36.04 -22.23
N LEU A 17 -6.11 36.49 -21.10
CA LEU A 17 -5.40 36.51 -19.83
C LEU A 17 -6.23 35.80 -18.78
N VAL A 18 -5.60 34.88 -18.05
CA VAL A 18 -6.25 34.17 -16.96
C VAL A 18 -5.87 34.83 -15.64
N ILE A 19 -6.87 35.14 -14.83
CA ILE A 19 -6.66 35.75 -13.52
C ILE A 19 -7.19 34.81 -12.45
N THR A 20 -6.37 34.53 -11.45
CA THR A 20 -6.79 33.74 -10.30
C THR A 20 -6.27 34.42 -9.05
N VAL A 21 -6.70 33.90 -7.90
CA VAL A 21 -6.32 34.44 -6.61
C VAL A 21 -5.80 33.31 -5.74
N ALA A 22 -4.71 33.58 -5.01
CA ALA A 22 -4.09 32.61 -4.12
C ALA A 22 -3.17 33.35 -3.17
N THR A 23 -3.23 33.00 -1.88
CA THR A 23 -2.40 33.62 -0.87
C THR A 23 -1.20 32.77 -0.47
N ALA A 24 -1.10 31.54 -0.99
CA ALA A 24 0.04 30.67 -0.75
C ALA A 24 0.14 29.67 -1.90
N GLU A 25 1.36 29.27 -2.21
CA GLU A 25 1.60 28.31 -3.31
C GLU A 25 1.42 26.88 -2.78
N THR A 26 0.16 26.54 -2.51
CA THR A 26 -0.20 25.22 -2.05
C THR A 26 -0.11 24.21 -3.20
N GLU A 27 -0.24 22.93 -2.84
CA GLU A 27 -0.19 21.88 -3.85
C GLU A 27 -1.34 22.00 -4.84
N GLY A 28 -2.51 22.47 -4.38
CA GLY A 28 -3.60 22.71 -5.30
C GLY A 28 -3.31 23.83 -6.27
N TYR A 29 -2.76 24.95 -5.77
CA TYR A 29 -2.44 26.07 -6.65
C TYR A 29 -1.38 25.66 -7.67
N LEU A 30 -0.33 24.98 -7.22
CA LEU A 30 0.72 24.55 -8.15
C LEU A 30 0.18 23.52 -9.15
N ARG A 31 -0.75 22.66 -8.72
CA ARG A 31 -1.39 21.74 -9.66
C ARG A 31 -2.13 22.52 -10.75
N PHE A 32 -2.83 23.59 -10.36
CA PHE A 32 -3.51 24.43 -11.32
C PHE A 32 -2.52 25.09 -12.27
N LEU A 33 -1.39 25.57 -11.75
CA LEU A 33 -0.42 26.25 -12.60
C LEU A 33 0.20 25.31 -13.62
N ARG A 34 0.49 24.08 -13.22
CA ARG A 34 1.08 23.12 -14.17
C ARG A 34 0.11 22.81 -15.30
N SER A 35 -1.18 22.68 -14.98
CA SER A 35 -2.16 22.43 -16.04
C SER A 35 -2.31 23.65 -16.93
N ALA A 36 -2.17 24.86 -16.37
CA ALA A 36 -2.22 26.06 -17.18
C ALA A 36 -0.98 26.19 -18.05
N GLU A 37 0.21 25.92 -17.48
CA GLU A 37 1.44 25.99 -18.28
C GLU A 37 1.45 24.92 -19.36
N PHE A 38 0.75 23.80 -19.15
CA PHE A 38 0.69 22.76 -20.16
C PHE A 38 0.05 23.26 -21.44
N PHE A 39 -1.00 24.08 -21.33
CA PHE A 39 -1.67 24.64 -22.49
C PHE A 39 -1.17 26.03 -22.85
N ASN A 40 -0.06 26.47 -22.25
CA ASN A 40 0.54 27.77 -22.55
C ASN A 40 -0.41 28.93 -22.26
N TYR A 41 -1.12 28.84 -21.15
CA TYR A 41 -1.94 29.95 -20.69
C TYR A 41 -1.06 31.01 -20.05
N THR A 42 -1.54 32.25 -20.09
CA THR A 42 -0.94 33.35 -19.33
C THR A 42 -1.75 33.55 -18.06
N VAL A 43 -1.11 33.40 -16.91
CA VAL A 43 -1.79 33.42 -15.62
C VAL A 43 -1.23 34.55 -14.77
N ARG A 44 -2.13 35.40 -14.29
CA ARG A 44 -1.81 36.46 -13.32
CA ARG A 44 -1.78 36.44 -13.32
C ARG A 44 -2.43 36.07 -11.99
N THR A 45 -1.59 35.79 -10.99
CA THR A 45 -2.06 35.39 -9.67
C THR A 45 -2.13 36.61 -8.76
N LEU A 46 -3.30 36.85 -8.19
CA LEU A 46 -3.53 37.98 -7.29
C LEU A 46 -3.43 37.51 -5.84
N GLY A 47 -2.66 38.25 -5.04
CA GLY A 47 -2.69 38.09 -3.60
C GLY A 47 -1.62 37.19 -3.02
N LEU A 48 -0.59 36.85 -3.78
CA LEU A 48 0.46 35.98 -3.24
C LEU A 48 1.38 36.74 -2.30
N GLY A 49 2.10 37.73 -2.82
CA GLY A 49 3.06 38.49 -2.03
C GLY A 49 2.48 39.16 -0.80
N GLY A 64 -15.32 37.72 -1.48
CA GLY A 64 -15.43 39.08 -0.99
C GLY A 64 -14.16 39.87 -1.22
N GLN A 65 -13.10 39.49 -0.50
CA GLN A 65 -11.79 40.06 -0.77
C GLN A 65 -11.30 39.71 -2.17
N LYS A 66 -11.85 38.66 -2.77
CA LYS A 66 -11.49 38.29 -4.14
C LYS A 66 -11.85 39.40 -5.12
N VAL A 67 -13.09 39.88 -5.05
CA VAL A 67 -13.55 40.92 -5.97
C VAL A 67 -12.74 42.19 -5.78
N ARG A 68 -12.47 42.56 -4.52
CA ARG A 68 -11.72 43.78 -4.26
C ARG A 68 -10.36 43.74 -4.94
N TRP A 69 -9.70 42.59 -4.90
CA TRP A 69 -8.42 42.43 -5.58
C TRP A 69 -8.60 42.46 -7.10
N LEU A 70 -9.62 41.77 -7.60
CA LEU A 70 -9.88 41.75 -9.04
C LEU A 70 -10.32 43.12 -9.54
N LYS A 71 -11.14 43.83 -8.77
CA LYS A 71 -11.59 45.16 -9.17
C LYS A 71 -10.42 46.12 -9.32
N LYS A 72 -9.53 46.15 -8.32
CA LYS A 72 -8.32 46.96 -8.45
C LYS A 72 -7.50 46.52 -9.65
N GLU A 73 -7.40 45.22 -9.88
CA GLU A 73 -6.64 44.71 -11.02
C GLU A 73 -7.26 45.16 -12.33
N MET A 74 -8.59 45.18 -12.41
CA MET A 74 -9.29 45.44 -13.67
C MET A 74 -9.20 46.88 -14.12
N GLU A 75 -8.88 47.82 -13.22
CA GLU A 75 -8.83 49.22 -13.59
C GLU A 75 -7.80 49.49 -14.68
N LYS A 76 -6.76 48.66 -14.76
CA LYS A 76 -5.77 48.80 -15.82
C LYS A 76 -6.32 48.39 -17.18
N TYR A 77 -7.40 47.60 -17.22
CA TYR A 77 -7.93 47.05 -18.45
C TYR A 77 -9.37 47.53 -18.70
N ALA A 78 -9.72 48.70 -18.17
CA ALA A 78 -11.10 49.18 -18.25
C ALA A 78 -11.52 49.50 -19.67
N ASP A 79 -10.58 49.84 -20.55
CA ASP A 79 -10.89 50.17 -21.94
C ASP A 79 -10.38 49.15 -22.92
N ARG A 80 -9.88 48.00 -22.45
CA ARG A 80 -9.27 46.99 -23.31
C ARG A 80 -10.36 46.07 -23.87
N GLU A 81 -11.04 46.56 -24.90
CA GLU A 81 -12.03 45.74 -25.60
C GLU A 81 -11.35 44.61 -26.39
N ASP A 82 -10.05 44.70 -26.63
CA ASP A 82 -9.33 43.65 -27.34
C ASP A 82 -8.92 42.50 -26.44
N MET A 83 -9.23 42.55 -25.14
CA MET A 83 -8.78 41.55 -24.19
C MET A 83 -9.93 40.71 -23.68
N ILE A 84 -9.74 39.40 -23.69
CA ILE A 84 -10.63 38.45 -23.03
C ILE A 84 -9.96 37.99 -21.75
N ILE A 85 -10.69 38.07 -20.64
CA ILE A 85 -10.18 37.70 -19.32
C ILE A 85 -11.04 36.60 -18.76
N MET A 86 -10.39 35.53 -18.29
CA MET A 86 -11.05 34.44 -17.61
C MET A 86 -10.60 34.44 -16.15
N PHE A 87 -11.54 34.62 -15.24
CA PHE A 87 -11.27 34.54 -13.82
C PHE A 87 -11.75 33.19 -13.29
N VAL A 88 -10.86 32.46 -12.62
CA VAL A 88 -11.16 31.15 -12.04
C VAL A 88 -10.44 31.03 -10.70
N ASP A 89 -10.97 30.18 -9.84
CA ASP A 89 -10.24 29.78 -8.64
C ASP A 89 -9.01 28.97 -9.04
N SER A 90 -8.12 28.78 -8.08
CA SER A 90 -6.89 28.02 -8.35
C SER A 90 -6.74 26.78 -7.50
N TYR A 91 -7.11 26.83 -6.21
CA TYR A 91 -6.84 25.70 -5.33
C TYR A 91 -7.62 24.46 -5.77
N ASP A 92 -8.83 24.66 -6.29
CA ASP A 92 -9.74 23.57 -6.61
C ASP A 92 -10.16 23.58 -8.08
N VAL A 93 -9.22 23.93 -8.95
CA VAL A 93 -9.49 24.05 -10.38
C VAL A 93 -8.31 23.47 -11.16
N ILE A 94 -8.62 22.71 -12.21
CA ILE A 94 -7.62 22.24 -13.16
C ILE A 94 -8.12 22.56 -14.57
N LEU A 95 -7.19 22.90 -15.46
CA LEU A 95 -7.54 23.23 -16.82
C LEU A 95 -7.43 21.99 -17.71
N ALA A 96 -8.42 21.81 -18.58
CA ALA A 96 -8.51 20.62 -19.42
C ALA A 96 -8.50 20.94 -20.92
N GLY A 97 -8.34 22.20 -21.31
CA GLY A 97 -8.36 22.55 -22.71
C GLY A 97 -7.52 23.76 -23.01
N SER A 98 -7.29 23.99 -24.30
CA SER A 98 -6.35 24.99 -24.79
C SER A 98 -7.02 26.36 -24.88
N PRO A 99 -6.23 27.44 -24.83
CA PRO A 99 -6.83 28.78 -25.02
C PRO A 99 -7.54 28.93 -26.35
N THR A 100 -6.98 28.32 -27.41
CA THR A 100 -7.62 28.39 -28.72
C THR A 100 -9.02 27.80 -28.67
N GLU A 101 -9.15 26.58 -28.15
CA GLU A 101 -10.47 25.98 -28.00
C GLU A 101 -11.34 26.79 -27.06
N LEU A 102 -10.75 27.35 -26.00
CA LEU A 102 -11.52 28.14 -25.04
C LEU A 102 -12.09 29.40 -25.68
N LEU A 103 -11.25 30.12 -26.44
CA LEU A 103 -11.73 31.33 -27.10
C LEU A 103 -12.74 31.01 -28.19
N LYS A 104 -12.59 29.86 -28.86
CA LYS A 104 -13.57 29.48 -29.89
C LYS A 104 -14.94 29.22 -29.25
N LYS A 105 -14.96 28.51 -28.11
CA LYS A 105 -16.22 28.25 -27.44
C LYS A 105 -16.81 29.52 -26.84
N PHE A 106 -15.96 30.46 -26.41
CA PHE A 106 -16.45 31.74 -25.90
C PHE A 106 -17.12 32.55 -27.00
N VAL A 107 -16.47 32.63 -28.16
CA VAL A 107 -17.10 33.30 -29.30
C VAL A 107 -18.38 32.60 -29.69
N GLN A 108 -18.38 31.25 -29.65
CA GLN A 108 -19.58 30.49 -29.99
C GLN A 108 -20.74 30.82 -29.05
N SER A 109 -20.45 31.19 -27.81
CA SER A 109 -21.50 31.50 -26.84
C SER A 109 -22.24 32.79 -27.17
N GLY A 110 -21.62 33.68 -27.94
CA GLY A 110 -22.26 34.96 -28.24
C GLY A 110 -22.50 35.82 -27.03
N SER A 111 -21.66 35.70 -26.01
CA SER A 111 -21.82 36.44 -24.76
C SER A 111 -20.64 37.36 -24.56
N ARG A 112 -20.84 38.42 -23.78
CA ARG A 112 -19.76 39.33 -23.41
C ARG A 112 -19.25 39.10 -22.00
N LEU A 113 -19.97 38.33 -21.18
CA LEU A 113 -19.48 37.90 -19.87
C LEU A 113 -20.23 36.62 -19.51
N LEU A 114 -19.58 35.48 -19.69
CA LEU A 114 -20.19 34.17 -19.49
C LEU A 114 -19.77 33.62 -18.13
N PHE A 115 -20.74 33.40 -17.25
CA PHE A 115 -20.49 32.81 -15.95
C PHE A 115 -20.68 31.30 -16.02
N SER A 116 -20.06 30.60 -15.07
CA SER A 116 -20.29 29.17 -14.94
C SER A 116 -21.66 28.93 -14.29
N ALA A 117 -22.26 27.80 -14.63
CA ALA A 117 -23.56 27.42 -14.11
C ALA A 117 -23.43 26.20 -13.21
N GLU A 118 -24.42 26.01 -12.35
CA GLU A 118 -24.39 24.91 -11.39
C GLU A 118 -25.81 24.60 -10.93
N SER A 119 -25.92 23.52 -10.14
CA SER A 119 -27.22 22.97 -9.77
C SER A 119 -27.86 23.69 -8.59
N PHE A 120 -27.08 24.41 -7.78
CA PHE A 120 -27.56 24.94 -6.51
C PHE A 120 -27.55 26.47 -6.52
N CYS A 121 -28.62 27.06 -5.98
CA CYS A 121 -28.76 28.50 -5.87
C CYS A 121 -28.40 28.92 -4.45
N TRP A 122 -27.35 29.70 -4.31
CA TRP A 122 -26.81 30.05 -3.00
C TRP A 122 -26.09 31.38 -3.14
N PRO A 123 -25.92 32.12 -2.03
CA PRO A 123 -26.32 31.86 -0.65
C PRO A 123 -27.81 32.05 -0.42
N GLU A 124 -28.43 32.94 -1.18
CA GLU A 124 -29.86 33.22 -1.07
C GLU A 124 -30.61 32.23 -1.96
N TRP A 125 -31.22 31.24 -1.33
CA TRP A 125 -32.04 30.27 -2.05
C TRP A 125 -33.31 30.89 -2.61
N GLY A 126 -33.80 32.00 -2.04
CA GLY A 126 -35.03 32.59 -2.53
C GLY A 126 -34.91 33.20 -3.92
N LEU A 127 -33.70 33.60 -4.31
CA LEU A 127 -33.46 34.17 -5.62
C LEU A 127 -33.60 33.17 -6.76
N ALA A 128 -33.87 31.90 -6.46
CA ALA A 128 -33.94 30.88 -7.51
C ALA A 128 -35.05 31.16 -8.51
N GLU A 129 -36.11 31.86 -8.06
CA GLU A 129 -37.23 32.15 -8.95
C GLU A 129 -36.85 33.18 -10.00
N GLN A 130 -36.00 34.15 -9.64
CA GLN A 130 -35.64 35.20 -10.58
C GLN A 130 -34.82 34.69 -11.75
N TYR A 131 -34.26 33.49 -11.64
CA TYR A 131 -33.40 32.99 -12.70
C TYR A 131 -34.24 32.59 -13.91
N PRO A 132 -33.71 32.77 -15.13
CA PRO A 132 -34.44 32.31 -16.31
C PRO A 132 -34.53 30.80 -16.32
N GLU A 133 -35.62 30.30 -16.94
CA GLU A 133 -35.80 28.87 -17.13
C GLU A 133 -34.77 28.35 -18.13
N VAL A 134 -34.14 27.23 -17.79
CA VAL A 134 -32.97 26.74 -18.52
C VAL A 134 -33.22 25.38 -19.18
N GLY A 135 -34.20 24.62 -18.72
CA GLY A 135 -34.46 23.32 -19.34
C GLY A 135 -33.67 22.21 -18.71
N THR A 136 -32.84 21.54 -19.50
CA THR A 136 -32.03 20.44 -18.99
C THR A 136 -30.68 20.88 -18.45
N GLY A 137 -30.28 22.13 -18.69
CA GLY A 137 -28.99 22.61 -18.23
C GLY A 137 -29.04 23.16 -16.82
N LYS A 138 -27.87 23.58 -16.33
CA LYS A 138 -27.79 24.17 -15.01
C LYS A 138 -28.34 25.59 -15.05
N ARG A 139 -29.02 25.99 -13.97
CA ARG A 139 -29.79 27.22 -13.98
C ARG A 139 -29.13 28.38 -13.22
N PHE A 140 -28.26 28.10 -12.26
CA PHE A 140 -27.79 29.14 -11.34
C PHE A 140 -26.32 29.48 -11.58
N LEU A 141 -25.94 30.68 -11.10
CA LEU A 141 -24.60 31.22 -11.32
C LEU A 141 -23.61 30.69 -10.29
N ASN A 142 -22.37 30.52 -10.72
CA ASN A 142 -21.25 30.21 -9.82
C ASN A 142 -20.12 31.19 -10.12
N SER A 143 -19.72 31.94 -9.09
CA SER A 143 -18.69 32.96 -9.24
C SER A 143 -17.28 32.41 -9.21
N GLY A 144 -17.11 31.09 -9.21
CA GLY A 144 -15.79 30.51 -9.22
C GLY A 144 -15.09 30.50 -10.55
N GLY A 145 -15.81 30.84 -11.62
CA GLY A 145 -15.23 30.88 -12.94
C GLY A 145 -16.11 31.60 -13.94
N PHE A 146 -15.57 32.63 -14.57
CA PHE A 146 -16.29 33.33 -15.63
C PHE A 146 -15.28 33.84 -16.64
N ILE A 147 -15.77 34.14 -17.85
CA ILE A 147 -14.93 34.60 -18.94
C ILE A 147 -15.69 35.65 -19.74
N GLY A 148 -15.03 36.76 -20.06
CA GLY A 148 -15.67 37.81 -20.81
C GLY A 148 -14.65 38.84 -21.26
N PHE A 149 -15.14 39.85 -21.96
CA PHE A 149 -14.31 40.97 -22.37
C PHE A 149 -13.87 41.77 -21.16
N ALA A 150 -12.63 42.27 -21.20
CA ALA A 150 -12.11 43.06 -20.10
C ALA A 150 -13.01 44.25 -19.79
N THR A 151 -13.52 44.91 -20.83
CA THR A 151 -14.38 46.08 -20.62
C THR A 151 -15.65 45.69 -19.87
N THR A 152 -16.33 44.63 -20.32
CA THR A 152 -17.56 44.22 -19.68
C THR A 152 -17.31 43.79 -18.24
N ILE A 153 -16.21 43.07 -18.00
CA ILE A 153 -15.89 42.64 -16.64
C ILE A 153 -15.59 43.83 -15.75
N HIS A 154 -14.85 44.82 -16.27
CA HIS A 154 -14.55 46.01 -15.47
C HIS A 154 -15.82 46.73 -15.04
N GLN A 155 -16.80 46.82 -15.94
CA GLN A 155 -18.06 47.47 -15.60
C GLN A 155 -18.79 46.72 -14.48
N ILE A 156 -18.53 45.42 -14.35
CA ILE A 156 -19.14 44.63 -13.29
C ILE A 156 -18.36 44.79 -11.99
N VAL A 157 -17.05 44.55 -12.03
CA VAL A 157 -16.27 44.49 -10.79
C VAL A 157 -16.08 45.86 -10.15
N ARG A 158 -16.16 46.93 -10.94
CA ARG A 158 -16.00 48.27 -10.37
C ARG A 158 -17.18 48.65 -9.49
N GLN A 159 -18.31 47.95 -9.61
CA GLN A 159 -19.48 48.19 -8.78
C GLN A 159 -19.35 47.60 -7.38
N TRP A 160 -18.18 47.10 -7.00
CA TRP A 160 -17.96 46.52 -5.69
C TRP A 160 -17.52 47.61 -4.72
N LYS A 161 -18.32 47.82 -3.67
CA LYS A 161 -18.02 48.80 -2.63
C LYS A 161 -18.42 48.25 -1.27
N TYR A 162 -17.96 47.03 -0.96
CA TYR A 162 -18.29 46.35 0.29
C TYR A 162 -17.01 45.90 0.98
N LYS A 163 -17.07 44.97 1.93
CA LYS A 163 -15.89 44.61 2.69
C LYS A 163 -15.50 43.15 2.43
N ASP A 164 -14.31 42.79 2.90
CA ASP A 164 -13.73 41.50 2.58
C ASP A 164 -14.58 40.36 3.11
N ASP A 165 -15.25 40.55 4.25
CA ASP A 165 -16.09 39.50 4.81
C ASP A 165 -17.32 39.24 3.97
N ASP A 166 -17.76 40.21 3.17
CA ASP A 166 -19.02 40.09 2.44
C ASP A 166 -18.91 39.02 1.35
N ASP A 167 -20.06 38.63 0.83
CA ASP A 167 -20.16 37.48 -0.06
C ASP A 167 -20.01 37.92 -1.51
N ASP A 168 -19.03 37.34 -2.20
CA ASP A 168 -18.83 37.63 -3.62
C ASP A 168 -19.84 36.91 -4.50
N GLN A 169 -20.28 35.71 -4.08
CA GLN A 169 -21.30 35.00 -4.84
C GLN A 169 -22.59 35.79 -4.92
N LEU A 170 -22.98 36.43 -3.82
CA LEU A 170 -24.18 37.26 -3.81
C LEU A 170 -24.00 38.51 -4.66
N PHE A 171 -22.76 39.04 -4.72
CA PHE A 171 -22.50 40.23 -5.52
C PHE A 171 -22.77 39.97 -6.99
N TYR A 172 -22.20 38.89 -7.53
CA TYR A 172 -22.40 38.58 -8.95
C TYR A 172 -23.82 38.12 -9.22
N THR A 173 -24.41 37.36 -8.28
CA THR A 173 -25.76 36.82 -8.49
C THR A 173 -26.78 37.94 -8.61
N ARG A 174 -26.76 38.89 -7.68
CA ARG A 174 -27.72 40.00 -7.72
C ARG A 174 -27.53 40.85 -8.97
N LEU A 175 -26.28 41.08 -9.37
CA LEU A 175 -26.04 41.82 -10.61
C LEU A 175 -26.57 41.05 -11.82
N TYR A 176 -26.36 39.73 -11.85
CA TYR A 176 -26.83 38.95 -12.98
C TYR A 176 -28.35 38.91 -13.03
N LEU A 177 -29.00 38.81 -11.88
CA LEU A 177 -30.46 38.73 -11.83
C LEU A 177 -31.14 40.04 -12.19
N ASP A 178 -30.39 41.11 -12.37
CA ASP A 178 -30.90 42.38 -12.89
C ASP A 178 -31.28 42.19 -14.35
N PRO A 179 -32.57 42.17 -14.71
CA PRO A 179 -32.92 41.89 -16.11
C PRO A 179 -32.40 42.95 -17.09
N GLY A 180 -32.40 44.23 -16.70
CA GLY A 180 -31.88 45.27 -17.58
C GLY A 180 -30.37 45.20 -17.73
N LEU A 181 -29.65 45.04 -16.62
CA LEU A 181 -28.20 44.91 -16.69
C LEU A 181 -27.81 43.62 -17.40
N ARG A 182 -28.63 42.56 -17.27
CA ARG A 182 -28.31 41.30 -17.93
C ARG A 182 -28.38 41.42 -19.44
N GLU A 183 -29.35 42.17 -19.97
CA GLU A 183 -29.48 42.30 -21.41
C GLU A 183 -28.52 43.34 -21.97
N LYS A 184 -28.28 44.42 -21.23
CA LYS A 184 -27.41 45.48 -21.72
C LYS A 184 -25.98 44.96 -21.90
N LEU A 185 -25.42 44.37 -20.85
CA LEU A 185 -24.05 43.86 -20.90
C LEU A 185 -23.94 42.48 -21.54
N SER A 186 -25.07 41.83 -21.85
CA SER A 186 -25.08 40.49 -22.44
C SER A 186 -24.37 39.48 -21.54
N LEU A 187 -24.83 39.40 -20.29
CA LEU A 187 -24.34 38.40 -19.36
C LEU A 187 -25.05 37.07 -19.62
N ASN A 188 -24.33 35.97 -19.44
CA ASN A 188 -24.88 34.64 -19.70
C ASN A 188 -24.29 33.64 -18.72
N LEU A 189 -24.94 32.47 -18.64
CA LEU A 189 -24.48 31.35 -17.84
C LEU A 189 -24.22 30.16 -18.76
N ASP A 190 -23.14 29.44 -18.48
CA ASP A 190 -22.75 28.27 -19.27
C ASP A 190 -23.58 27.08 -18.80
N HIS A 191 -24.82 27.03 -19.30
CA HIS A 191 -25.81 26.09 -18.76
C HIS A 191 -25.40 24.65 -18.98
N LYS A 192 -24.92 24.32 -20.18
CA LYS A 192 -24.64 22.94 -20.55
C LYS A 192 -23.17 22.57 -20.37
N SER A 193 -22.45 23.31 -19.54
CA SER A 193 -21.06 23.01 -19.20
C SER A 193 -20.19 22.87 -20.45
N ARG A 194 -20.34 23.83 -21.36
CA ARG A 194 -19.51 23.84 -22.56
C ARG A 194 -18.08 24.26 -22.24
N ILE A 195 -17.91 25.22 -21.35
CA ILE A 195 -16.61 25.73 -20.96
C ILE A 195 -16.26 25.39 -19.52
N PHE A 196 -17.15 25.74 -18.58
CA PHE A 196 -16.92 25.50 -17.16
C PHE A 196 -17.68 24.27 -16.69
N GLN A 197 -17.01 23.43 -15.90
CA GLN A 197 -17.62 22.26 -15.28
C GLN A 197 -17.46 22.37 -13.77
N ASN A 198 -18.56 22.64 -13.08
CA ASN A 198 -18.60 22.57 -11.62
C ASN A 198 -18.97 21.16 -11.20
N LEU A 199 -18.18 20.59 -10.29
CA LEU A 199 -18.37 19.18 -9.95
C LEU A 199 -19.55 18.97 -9.02
N ASN A 200 -19.76 19.88 -8.07
CA ASN A 200 -20.81 19.69 -7.07
C ASN A 200 -22.17 19.60 -7.74
N GLY A 201 -22.89 18.50 -7.46
CA GLY A 201 -24.18 18.27 -8.06
C GLY A 201 -24.15 17.63 -9.43
N ALA A 202 -22.95 17.39 -9.99
CA ALA A 202 -22.81 16.85 -11.33
C ALA A 202 -21.75 15.76 -11.42
N LEU A 203 -21.45 15.10 -10.29
CA LEU A 203 -20.42 14.07 -10.27
C LEU A 203 -20.77 12.93 -11.23
N ASP A 204 -22.04 12.57 -11.31
CA ASP A 204 -22.48 11.52 -12.22
C ASP A 204 -22.40 11.94 -13.68
N GLU A 205 -22.24 13.22 -13.97
CA GLU A 205 -22.17 13.68 -15.35
C GLU A 205 -20.76 13.67 -15.92
N VAL A 206 -19.74 13.58 -15.06
CA VAL A 206 -18.34 13.75 -15.46
C VAL A 206 -17.66 12.39 -15.55
N VAL A 207 -17.04 12.12 -16.69
CA VAL A 207 -16.18 10.95 -16.87
C VAL A 207 -14.89 11.40 -17.54
N LEU A 208 -13.85 10.59 -17.37
CA LEU A 208 -12.58 10.85 -18.03
C LEU A 208 -12.66 10.45 -19.50
N LYS A 209 -12.06 11.28 -20.36
CA LYS A 209 -11.94 10.97 -21.78
C LYS A 209 -10.45 10.91 -22.12
N PHE A 210 -9.97 9.73 -22.47
CA PHE A 210 -8.54 9.50 -22.65
C PHE A 210 -8.12 9.75 -24.09
N ASP A 211 -6.86 10.17 -24.23
CA ASP A 211 -6.21 10.31 -25.52
C ASP A 211 -4.82 9.70 -25.38
N ARG A 212 -3.98 9.86 -26.40
CA ARG A 212 -2.69 9.19 -26.36
C ARG A 212 -1.78 9.79 -25.29
N ASN A 213 -1.62 11.12 -25.29
CA ASN A 213 -0.74 11.78 -24.34
C ASN A 213 -1.44 12.93 -23.63
N ARG A 214 -2.76 12.81 -23.42
CA ARG A 214 -3.54 13.84 -22.77
C ARG A 214 -4.85 13.21 -22.31
N VAL A 215 -5.34 13.64 -21.16
CA VAL A 215 -6.62 13.17 -20.64
C VAL A 215 -7.51 14.38 -20.38
N ARG A 216 -8.78 14.26 -20.76
CA ARG A 216 -9.77 15.30 -20.53
C ARG A 216 -10.92 14.72 -19.71
N ILE A 217 -11.92 15.55 -19.48
CA ILE A 217 -13.19 15.08 -18.95
C ILE A 217 -14.26 15.27 -20.02
N ARG A 218 -15.33 14.51 -19.90
CA ARG A 218 -16.50 14.67 -20.74
C ARG A 218 -17.74 14.74 -19.87
N ASN A 219 -18.64 15.65 -20.20
CA ASN A 219 -19.94 15.70 -19.56
C ASN A 219 -20.91 14.85 -20.39
N VAL A 220 -21.26 13.67 -19.87
CA VAL A 220 -22.12 12.74 -20.62
C VAL A 220 -23.57 13.20 -20.62
N ALA A 221 -23.94 14.13 -19.74
CA ALA A 221 -25.30 14.65 -19.75
C ALA A 221 -25.54 15.58 -20.94
N TYR A 222 -24.59 16.48 -21.21
CA TYR A 222 -24.72 17.42 -22.31
C TYR A 222 -23.79 17.11 -23.48
N ASP A 223 -23.01 16.04 -23.41
CA ASP A 223 -22.04 15.64 -24.44
C ASP A 223 -21.14 16.83 -24.83
N THR A 224 -20.39 17.31 -23.84
CA THR A 224 -19.46 18.42 -24.02
C THR A 224 -18.11 18.03 -23.45
N LEU A 225 -17.10 18.84 -23.77
CA LEU A 225 -15.73 18.66 -23.27
C LEU A 225 -15.33 19.96 -22.59
N PRO A 226 -15.63 20.12 -21.30
CA PRO A 226 -15.36 21.40 -20.63
C PRO A 226 -13.88 21.71 -20.57
N ILE A 227 -13.58 23.01 -20.48
CA ILE A 227 -12.21 23.50 -20.38
C ILE A 227 -11.76 23.60 -18.92
N VAL A 228 -12.61 24.11 -18.05
CA VAL A 228 -12.26 24.39 -16.66
C VAL A 228 -12.99 23.39 -15.78
N VAL A 229 -12.23 22.58 -15.03
CA VAL A 229 -12.79 21.63 -14.08
C VAL A 229 -12.69 22.25 -12.70
N HIS A 230 -13.84 22.57 -12.10
CA HIS A 230 -13.90 23.22 -10.80
C HIS A 230 -14.49 22.25 -9.78
N GLY A 231 -13.66 21.84 -8.82
CA GLY A 231 -14.12 20.98 -7.74
C GLY A 231 -14.72 21.78 -6.60
N ASN A 232 -15.82 22.47 -6.87
CA ASN A 232 -16.44 23.32 -5.87
C ASN A 232 -17.21 22.47 -4.86
N GLY A 233 -17.43 23.06 -3.69
CA GLY A 233 -18.17 22.41 -2.65
C GLY A 233 -17.44 21.19 -2.10
N PRO A 234 -18.19 20.16 -1.72
CA PRO A 234 -17.60 18.93 -1.16
C PRO A 234 -17.17 17.93 -2.24
N THR A 235 -16.41 18.40 -3.23
CA THR A 235 -15.94 17.54 -4.31
C THR A 235 -14.42 17.60 -4.48
N LYS A 236 -13.69 17.99 -3.43
CA LYS A 236 -12.24 18.10 -3.56
C LYS A 236 -11.60 16.75 -3.84
N LEU A 237 -12.12 15.68 -3.25
CA LEU A 237 -11.54 14.36 -3.47
C LEU A 237 -11.74 13.91 -4.91
N GLN A 238 -12.92 14.19 -5.49
CA GLN A 238 -13.16 13.83 -6.88
C GLN A 238 -12.28 14.64 -7.83
N LEU A 239 -11.95 15.89 -7.46
CA LEU A 239 -11.02 16.65 -8.28
C LEU A 239 -9.61 16.08 -8.17
N ASN A 240 -9.18 15.73 -6.94
CA ASN A 240 -7.90 15.04 -6.76
C ASN A 240 -7.80 13.83 -7.66
N TYR A 241 -8.87 13.05 -7.76
CA TYR A 241 -8.86 11.88 -8.61
C TYR A 241 -8.75 12.27 -10.08
N LEU A 242 -9.60 13.19 -10.54
CA LEU A 242 -9.48 13.65 -11.92
C LEU A 242 -8.11 14.27 -12.17
N GLY A 243 -7.59 15.02 -11.19
CA GLY A 243 -6.31 15.70 -11.36
C GLY A 243 -5.12 14.77 -11.48
N ASN A 244 -5.31 13.48 -11.19
CA ASN A 244 -4.23 12.52 -11.43
C ASN A 244 -4.04 12.23 -12.91
N TYR A 245 -4.97 12.67 -13.77
CA TYR A 245 -4.90 12.43 -15.20
C TYR A 245 -4.95 13.70 -16.02
N VAL A 246 -5.80 14.64 -15.65
CA VAL A 246 -6.07 15.81 -16.49
C VAL A 246 -5.08 16.91 -16.15
N PRO A 247 -4.38 17.50 -17.14
CA PRO A 247 -4.44 17.13 -18.56
C PRO A 247 -3.35 16.14 -18.95
N ASN A 248 -2.23 16.16 -18.24
CA ASN A 248 -1.10 15.27 -18.50
C ASN A 248 -0.67 14.57 -17.23
N GLY A 249 -1.63 14.23 -16.37
CA GLY A 249 -1.33 13.48 -15.16
C GLY A 249 -0.77 12.11 -15.48
N TRP A 250 -1.61 11.25 -16.05
CA TRP A 250 -1.21 9.91 -16.48
C TRP A 250 -1.84 9.66 -17.84
N THR A 251 -1.04 9.19 -18.78
CA THR A 251 -1.54 8.99 -20.13
C THR A 251 -1.22 7.58 -20.59
N PRO A 252 -2.06 7.00 -21.46
CA PRO A 252 -1.81 5.61 -21.91
C PRO A 252 -0.45 5.39 -22.53
N GLU A 253 0.12 6.38 -23.22
CA GLU A 253 1.36 6.19 -23.94
C GLU A 253 2.57 6.82 -23.25
N GLY A 254 2.35 7.87 -22.46
CA GLY A 254 3.46 8.57 -21.83
C GLY A 254 3.62 8.18 -20.37
N GLY A 255 2.61 7.50 -19.83
CA GLY A 255 2.60 7.21 -18.40
C GLY A 255 2.33 8.46 -17.59
N CYS A 256 2.64 8.37 -16.29
CA CYS A 256 2.48 9.55 -15.43
C CYS A 256 3.50 10.62 -15.81
N GLY A 257 3.07 11.88 -15.78
CA GLY A 257 3.88 12.99 -16.20
C GLY A 257 4.45 13.90 -15.13
N PHE A 258 4.23 13.59 -13.85
CA PHE A 258 4.83 14.37 -12.77
C PHE A 258 5.63 13.52 -11.78
N CYS A 259 5.69 12.20 -11.98
CA CYS A 259 6.51 11.31 -11.18
C CYS A 259 7.96 11.37 -11.64
N ASN A 260 8.83 10.69 -10.90
CA ASN A 260 10.24 10.68 -11.23
C ASN A 260 10.56 9.72 -12.37
N GLN A 261 9.71 8.72 -12.59
CA GLN A 261 9.92 7.67 -13.59
C GLN A 261 11.29 7.03 -13.38
N ASP A 262 12.17 7.18 -14.37
CA ASP A 262 13.55 6.69 -14.22
C ASP A 262 14.24 7.46 -13.10
N ARG A 263 14.80 6.71 -12.14
CA ARG A 263 15.44 7.31 -10.99
C ARG A 263 16.69 8.12 -11.35
N GLN A 270 27.80 15.48 -0.52
CA GLN A 270 27.09 14.24 -0.83
C GLN A 270 26.49 13.51 0.38
N PRO A 271 25.73 14.19 1.24
CA PRO A 271 25.11 13.50 2.38
C PRO A 271 23.59 13.47 2.25
N PRO A 272 22.98 12.29 2.41
CA PRO A 272 21.51 12.20 2.27
C PRO A 272 20.84 12.86 3.48
N PRO A 273 19.58 13.28 3.32
CA PRO A 273 18.92 14.01 4.43
C PRO A 273 18.78 13.15 5.67
N ARG A 274 18.84 13.80 6.84
CA ARG A 274 18.64 13.09 8.09
C ARG A 274 17.17 12.71 8.24
N VAL A 275 16.93 11.48 8.72
CA VAL A 275 15.60 10.89 8.73
C VAL A 275 15.32 10.32 10.13
N PHE A 276 14.11 10.58 10.62
CA PHE A 276 13.59 9.93 11.83
C PHE A 276 12.72 8.75 11.40
N LEU A 277 13.18 7.54 11.70
CA LEU A 277 12.44 6.32 11.38
C LEU A 277 11.66 5.88 12.62
N ALA A 278 10.34 5.80 12.48
CA ALA A 278 9.46 5.41 13.58
C ALA A 278 8.78 4.09 13.24
N VAL A 279 8.91 3.12 14.13
CA VAL A 279 8.35 1.78 13.96
C VAL A 279 7.27 1.58 15.00
N PHE A 280 6.15 1.02 14.59
CA PHE A 280 4.99 0.85 15.47
C PHE A 280 4.56 -0.61 15.48
N VAL A 281 4.34 -1.14 16.69
CA VAL A 281 3.88 -2.52 16.88
C VAL A 281 2.65 -2.42 17.79
N GLU A 282 1.47 -2.25 17.19
CA GLU A 282 0.25 -2.04 17.96
C GLU A 282 -0.60 -3.29 18.08
N GLN A 283 -0.11 -4.44 17.60
CA GLN A 283 -0.81 -5.70 17.73
C GLN A 283 0.20 -6.81 17.59
N PRO A 284 -0.11 -8.01 18.10
CA PRO A 284 0.78 -9.15 17.81
C PRO A 284 0.93 -9.34 16.31
N THR A 285 2.17 -9.49 15.87
CA THR A 285 2.49 -9.40 14.45
C THR A 285 3.36 -10.59 14.05
N PRO A 286 3.02 -11.31 12.99
CA PRO A 286 3.84 -12.43 12.55
C PRO A 286 5.19 -11.96 12.02
N PHE A 287 6.22 -12.80 12.25
CA PHE A 287 7.55 -12.59 11.70
C PHE A 287 8.14 -11.25 12.13
N LEU A 288 7.93 -10.89 13.40
CA LEU A 288 8.52 -9.65 13.89
C LEU A 288 10.04 -9.74 13.98
N PRO A 289 10.64 -10.84 14.48
CA PRO A 289 12.11 -10.93 14.44
C PRO A 289 12.65 -10.70 13.04
N ARG A 290 11.89 -11.09 12.02
CA ARG A 290 12.33 -10.88 10.65
CA ARG A 290 12.33 -10.88 10.65
C ARG A 290 12.23 -9.40 10.27
N PHE A 291 11.16 -8.73 10.69
CA PHE A 291 11.02 -7.29 10.44
C PHE A 291 12.15 -6.51 11.10
N LEU A 292 12.41 -6.80 12.38
CA LEU A 292 13.48 -6.09 13.09
C LEU A 292 14.82 -6.30 12.42
N GLN A 293 15.13 -7.54 12.02
CA GLN A 293 16.38 -7.78 11.32
C GLN A 293 16.41 -7.11 9.95
N ARG A 294 15.24 -6.93 9.34
CA ARG A 294 15.20 -6.26 8.04
C ARG A 294 15.56 -4.79 8.15
N LEU A 295 15.31 -4.18 9.31
CA LEU A 295 15.66 -2.78 9.51
C LEU A 295 17.15 -2.52 9.32
N LEU A 296 17.99 -3.54 9.51
CA LEU A 296 19.43 -3.39 9.35
C LEU A 296 19.86 -3.45 7.88
N LEU A 297 18.95 -3.75 6.96
CA LEU A 297 19.30 -3.93 5.56
C LEU A 297 18.81 -2.80 4.66
N LEU A 298 18.05 -1.84 5.18
CA LEU A 298 17.54 -0.74 4.37
C LEU A 298 18.69 0.08 3.80
N ASP A 299 18.70 0.25 2.48
CA ASP A 299 19.80 0.90 1.79
C ASP A 299 19.69 2.42 1.95
N TYR A 300 20.03 2.88 3.16
CA TYR A 300 20.10 4.29 3.50
C TYR A 300 21.06 4.39 4.66
N PRO A 301 21.99 5.35 4.65
CA PRO A 301 23.08 5.38 5.64
C PRO A 301 22.55 5.41 7.06
N PRO A 302 22.92 4.43 7.89
CA PRO A 302 22.35 4.36 9.24
C PRO A 302 22.78 5.51 10.13
N ASP A 303 23.96 6.09 9.89
CA ASP A 303 24.41 7.26 10.63
C ASP A 303 23.54 8.48 10.37
N ARG A 304 22.61 8.40 9.43
CA ARG A 304 21.69 9.49 9.12
C ARG A 304 20.26 9.18 9.52
N VAL A 305 20.04 8.13 10.31
CA VAL A 305 18.71 7.67 10.68
C VAL A 305 18.63 7.55 12.20
N THR A 306 17.57 8.12 12.77
CA THR A 306 17.22 7.96 14.18
C THR A 306 16.02 7.03 14.28
N LEU A 307 16.13 5.96 15.05
CA LEU A 307 15.08 4.95 15.19
C LEU A 307 14.25 5.21 16.43
N PHE A 308 12.94 5.37 16.23
CA PHE A 308 11.96 5.34 17.30
C PHE A 308 11.12 4.09 17.12
N LEU A 309 10.95 3.31 18.18
CA LEU A 309 10.17 2.09 18.12
C LEU A 309 9.20 2.07 19.29
N HIS A 310 7.90 2.05 18.99
CA HIS A 310 6.87 1.85 20.00
C HIS A 310 6.33 0.43 19.87
N ASN A 311 6.51 -0.36 20.92
CA ASN A 311 5.98 -1.71 21.01
C ASN A 311 4.91 -1.74 22.09
N ASN A 312 3.68 -2.05 21.69
CA ASN A 312 2.56 -2.13 22.63
C ASN A 312 2.32 -3.53 23.17
N GLU A 313 3.00 -4.54 22.64
CA GLU A 313 2.72 -5.94 22.95
C GLU A 313 3.78 -6.51 23.86
N VAL A 314 3.35 -7.06 25.02
CA VAL A 314 4.29 -7.78 25.87
C VAL A 314 4.78 -9.03 25.16
N PHE A 315 3.97 -9.59 24.26
CA PHE A 315 4.36 -10.78 23.51
C PHE A 315 5.58 -10.51 22.64
N HIS A 316 5.80 -9.26 22.26
CA HIS A 316 6.92 -8.89 21.42
C HIS A 316 8.11 -8.33 22.20
N GLU A 317 8.01 -8.22 23.53
CA GLU A 317 9.16 -7.76 24.31
C GLU A 317 10.38 -8.64 24.13
N PRO A 318 10.28 -9.97 24.17
CA PRO A 318 11.49 -10.78 23.88
C PRO A 318 12.05 -10.52 22.50
N HIS A 319 11.21 -10.20 21.51
CA HIS A 319 11.68 -9.95 20.16
C HIS A 319 12.47 -8.65 20.08
N ILE A 320 11.90 -7.57 20.64
CA ILE A 320 12.59 -6.27 20.63
C ILE A 320 13.91 -6.36 21.37
N ALA A 321 13.93 -7.11 22.47
CA ALA A 321 15.15 -7.18 23.27
C ALA A 321 16.26 -7.92 22.52
N ASP A 322 15.91 -8.99 21.81
CA ASP A 322 16.93 -9.80 21.16
C ASP A 322 17.69 -8.98 20.11
N SER A 323 16.99 -8.13 19.38
CA SER A 323 17.61 -7.40 18.27
C SER A 323 17.95 -5.96 18.61
N TRP A 324 17.72 -5.53 19.84
CA TRP A 324 18.01 -4.15 20.21
C TRP A 324 19.51 -3.85 20.21
N PRO A 325 20.39 -4.75 20.70
CA PRO A 325 21.83 -4.45 20.59
C PRO A 325 22.29 -4.17 19.17
N GLN A 326 21.79 -4.92 18.19
CA GLN A 326 22.18 -4.68 16.80
C GLN A 326 21.64 -3.35 16.30
N LEU A 327 20.40 -3.02 16.66
CA LEU A 327 19.81 -1.74 16.26
C LEU A 327 20.56 -0.57 16.86
N GLN A 328 20.92 -0.68 18.15
CA GLN A 328 21.64 0.41 18.81
C GLN A 328 22.97 0.69 18.15
N ASP A 329 23.69 -0.37 17.77
CA ASP A 329 24.96 -0.20 17.08
C ASP A 329 24.76 0.30 15.65
N HIS A 330 23.62 -0.01 15.04
CA HIS A 330 23.43 0.30 13.63
C HIS A 330 23.12 1.78 13.43
N PHE A 331 22.04 2.27 14.03
CA PHE A 331 21.53 3.60 13.74
C PHE A 331 22.22 4.66 14.59
N SER A 332 22.03 5.92 14.17
CA SER A 332 22.63 7.06 14.85
C SER A 332 22.19 7.11 16.31
N ALA A 333 20.87 7.12 16.54
CA ALA A 333 20.32 7.03 17.87
C ALA A 333 19.08 6.14 17.83
N VAL A 334 18.75 5.56 18.98
CA VAL A 334 17.59 4.68 19.10
C VAL A 334 16.81 5.04 20.36
N LYS A 335 15.52 4.74 20.33
CA LYS A 335 14.65 4.97 21.48
C LYS A 335 13.50 3.98 21.43
N LEU A 336 13.25 3.31 22.55
CA LEU A 336 12.18 2.33 22.67
C LEU A 336 11.14 2.79 23.68
N VAL A 337 9.87 2.72 23.31
CA VAL A 337 8.76 2.99 24.20
C VAL A 337 7.93 1.71 24.30
N GLY A 338 7.98 1.07 25.46
CA GLY A 338 7.46 -0.28 25.62
C GLY A 338 6.02 -0.33 26.07
N PRO A 339 5.53 -1.54 26.34
CA PRO A 339 4.14 -1.68 26.82
C PRO A 339 3.91 -1.07 28.19
N GLU A 340 4.97 -0.81 28.96
CA GLU A 340 4.82 -0.37 30.33
C GLU A 340 4.32 1.07 30.43
N GLU A 341 4.49 1.87 29.39
CA GLU A 341 4.02 3.26 29.43
C GLU A 341 2.54 3.40 29.08
N ALA A 342 1.86 2.30 28.75
CA ALA A 342 0.41 2.28 28.51
C ALA A 342 0.01 3.33 27.48
N LEU A 343 0.72 3.35 26.36
CA LEU A 343 0.49 4.33 25.31
C LEU A 343 -0.43 3.73 24.25
N SER A 344 -1.48 4.47 23.90
CA SER A 344 -2.36 4.04 22.84
C SER A 344 -1.69 4.30 21.49
N PRO A 345 -2.10 3.60 20.44
CA PRO A 345 -1.50 3.85 19.12
C PRO A 345 -1.55 5.32 18.70
N GLY A 346 -2.67 6.00 18.96
CA GLY A 346 -2.76 7.41 18.61
C GLY A 346 -1.77 8.27 19.37
N GLU A 347 -1.54 7.95 20.64
CA GLU A 347 -0.58 8.72 21.45
C GLU A 347 0.85 8.44 21.03
N ALA A 348 1.16 7.17 20.72
CA ALA A 348 2.51 6.84 20.28
C ALA A 348 2.83 7.48 18.95
N ARG A 349 1.87 7.51 18.03
CA ARG A 349 2.11 8.13 16.72
C ARG A 349 2.23 9.64 16.84
N ASP A 350 1.46 10.25 17.74
CA ASP A 350 1.64 11.68 18.02
C ASP A 350 3.02 11.95 18.60
N MET A 351 3.46 11.12 19.53
CA MET A 351 4.76 11.32 20.17
C MET A 351 5.90 11.16 19.18
N ALA A 352 5.85 10.11 18.36
CA ALA A 352 6.91 9.89 17.38
C ALA A 352 6.95 11.01 16.36
N MET A 353 5.80 11.42 15.86
CA MET A 353 5.77 12.50 14.87
C MET A 353 6.24 13.81 15.49
N ASP A 354 5.85 14.08 16.74
CA ASP A 354 6.26 15.33 17.37
C ASP A 354 7.75 15.36 17.70
N LEU A 355 8.36 14.20 17.94
CA LEU A 355 9.80 14.17 18.14
C LEU A 355 10.54 14.67 16.91
N CYS A 356 10.06 14.30 15.73
CA CYS A 356 10.64 14.82 14.49
C CYS A 356 10.31 16.30 14.30
N ARG A 357 9.06 16.69 14.59
CA ARG A 357 8.65 18.07 14.39
C ARG A 357 9.50 19.03 15.22
N GLN A 358 9.76 18.68 16.48
CA GLN A 358 10.48 19.54 17.41
C GLN A 358 12.00 19.47 17.25
N ASP A 359 12.49 18.80 16.23
CA ASP A 359 13.93 18.71 15.96
C ASP A 359 14.23 19.37 14.63
N PRO A 360 14.87 20.54 14.61
CA PRO A 360 15.19 21.18 13.32
C PRO A 360 16.06 20.31 12.42
N GLU A 361 16.74 19.30 12.98
CA GLU A 361 17.57 18.41 12.18
C GLU A 361 16.80 17.24 11.59
N CYS A 362 15.51 17.09 11.89
CA CYS A 362 14.70 16.04 11.29
C CYS A 362 14.17 16.56 9.95
N GLU A 363 14.80 16.13 8.86
CA GLU A 363 14.39 16.61 7.55
C GLU A 363 13.22 15.80 7.00
N PHE A 364 13.21 14.48 7.25
CA PHE A 364 12.14 13.60 6.80
C PHE A 364 11.73 12.65 7.91
N TYR A 365 10.42 12.39 7.99
CA TYR A 365 9.84 11.46 8.95
C TYR A 365 9.30 10.24 8.23
N PHE A 366 9.77 9.06 8.62
CA PHE A 366 9.42 7.79 7.98
C PHE A 366 8.70 6.91 8.99
N SER A 367 7.41 6.67 8.78
CA SER A 367 6.57 5.89 9.69
C SER A 367 6.32 4.52 9.06
N LEU A 368 6.78 3.47 9.72
CA LEU A 368 6.70 2.11 9.18
C LEU A 368 6.10 1.18 10.23
N ASP A 369 4.98 0.55 9.88
CA ASP A 369 4.31 -0.36 10.80
C ASP A 369 4.85 -1.78 10.62
N ALA A 370 4.70 -2.58 11.69
CA ALA A 370 5.33 -3.89 11.74
C ALA A 370 4.75 -4.87 10.73
N ASP A 371 3.51 -4.66 10.28
CA ASP A 371 2.90 -5.53 9.29
C ASP A 371 3.24 -5.13 7.86
N ALA A 372 4.17 -4.20 7.68
CA ALA A 372 4.62 -3.80 6.35
C ALA A 372 5.97 -4.48 6.06
N VAL A 373 6.00 -5.30 5.04
CA VAL A 373 7.21 -5.98 4.59
C VAL A 373 7.78 -5.21 3.42
N LEU A 374 8.94 -4.57 3.62
CA LEU A 374 9.59 -3.80 2.57
C LEU A 374 10.54 -4.72 1.79
N THR A 375 10.08 -5.21 0.65
CA THR A 375 10.94 -6.03 -0.20
C THR A 375 11.93 -5.19 -0.99
N ASN A 376 11.65 -3.90 -1.19
CA ASN A 376 12.54 -3.00 -1.90
C ASN A 376 13.34 -2.22 -0.86
N LEU A 377 14.64 -2.53 -0.76
CA LEU A 377 15.48 -1.89 0.26
C LEU A 377 15.82 -0.45 -0.07
N GLN A 378 15.47 0.04 -1.26
CA GLN A 378 15.69 1.42 -1.63
C GLN A 378 14.45 2.28 -1.43
N THR A 379 13.51 1.82 -0.61
CA THR A 379 12.22 2.48 -0.50
C THR A 379 12.37 3.90 0.04
N LEU A 380 13.17 4.06 1.11
CA LEU A 380 13.32 5.39 1.71
C LEU A 380 13.96 6.37 0.73
N ARG A 381 14.97 5.93 -0.02
CA ARG A 381 15.55 6.79 -1.05
C ARG A 381 14.50 7.18 -2.08
N ILE A 382 13.83 6.19 -2.67
CA ILE A 382 12.91 6.44 -3.77
C ILE A 382 11.86 7.46 -3.37
N LEU A 383 11.31 7.32 -2.16
CA LEU A 383 10.24 8.21 -1.72
C LEU A 383 10.75 9.62 -1.44
N ILE A 384 11.97 9.74 -0.90
CA ILE A 384 12.55 11.06 -0.68
C ILE A 384 12.82 11.74 -2.02
N GLU A 385 13.33 11.00 -3.00
CA GLU A 385 13.66 11.60 -4.29
C GLU A 385 12.42 12.03 -5.05
N GLU A 386 11.24 11.50 -4.70
CA GLU A 386 10.01 11.98 -5.31
C GLU A 386 9.71 13.41 -4.91
N ASN A 387 10.23 13.87 -3.78
CA ASN A 387 10.16 15.27 -3.39
C ASN A 387 8.71 15.73 -3.23
N ARG A 388 7.99 15.01 -2.37
CA ARG A 388 6.61 15.36 -2.03
C ARG A 388 6.53 15.67 -0.54
N LYS A 389 5.41 16.30 -0.13
CA LYS A 389 5.21 16.59 1.27
C LYS A 389 4.86 15.32 2.04
N VAL A 390 3.95 14.50 1.50
CA VAL A 390 3.55 13.23 2.10
C VAL A 390 3.45 12.22 0.97
N ILE A 391 4.14 11.08 1.10
CA ILE A 391 4.12 10.05 0.07
C ILE A 391 4.28 8.68 0.72
N ALA A 392 3.49 7.73 0.26
CA ALA A 392 3.45 6.37 0.75
C ALA A 392 3.85 5.40 -0.36
N PRO A 393 4.59 4.33 -0.04
CA PRO A 393 4.80 3.25 -1.01
C PRO A 393 3.60 2.31 -1.00
N MET A 394 3.12 1.96 -2.18
CA MET A 394 1.97 1.06 -2.24
C MET A 394 2.37 -0.34 -1.77
N LEU A 395 1.62 -0.86 -0.80
CA LEU A 395 1.84 -2.19 -0.25
C LEU A 395 0.50 -2.91 -0.22
N SER A 396 0.45 -4.12 -0.78
CA SER A 396 -0.78 -4.89 -0.83
C SER A 396 -0.61 -6.24 -0.16
N ARG A 397 -1.70 -6.75 0.41
CA ARG A 397 -1.70 -8.12 0.89
CA ARG A 397 -1.72 -8.12 0.90
C ARG A 397 -1.53 -9.07 -0.29
N HIS A 398 -0.58 -10.00 -0.15
CA HIS A 398 -0.18 -10.83 -1.27
C HIS A 398 -1.36 -11.57 -1.88
N GLY A 399 -1.56 -11.39 -3.19
CA GLY A 399 -2.61 -12.08 -3.91
C GLY A 399 -4.00 -11.53 -3.71
N LYS A 400 -4.16 -10.37 -3.07
CA LYS A 400 -5.47 -9.79 -2.82
C LYS A 400 -5.44 -8.31 -3.20
N LEU A 401 -6.63 -7.70 -3.22
CA LEU A 401 -6.73 -6.27 -3.54
C LEU A 401 -6.41 -5.38 -2.35
N TRP A 402 -6.60 -5.88 -1.13
CA TRP A 402 -6.39 -5.07 0.06
C TRP A 402 -4.98 -4.50 0.07
N SER A 403 -4.87 -3.21 0.37
CA SER A 403 -3.58 -2.52 0.32
C SER A 403 -3.59 -1.38 1.33
N ASN A 404 -2.51 -0.59 1.34
CA ASN A 404 -2.31 0.42 2.36
C ASN A 404 -2.81 1.81 1.95
N PHE A 405 -3.79 1.88 1.06
CA PHE A 405 -4.38 3.16 0.68
C PHE A 405 -5.84 2.93 0.28
N TRP A 406 -6.60 4.02 0.28
CA TRP A 406 -7.97 4.01 -0.22
C TRP A 406 -8.05 4.93 -1.42
N GLY A 407 -8.85 4.54 -2.40
CA GLY A 407 -9.07 5.38 -3.57
C GLY A 407 -10.22 6.35 -3.41
N ALA A 408 -11.18 6.00 -2.55
CA ALA A 408 -12.37 6.82 -2.36
C ALA A 408 -12.89 6.64 -0.94
N LEU A 409 -13.79 7.55 -0.54
CA LEU A 409 -14.39 7.55 0.78
C LEU A 409 -15.90 7.61 0.65
N SER A 410 -16.59 7.11 1.67
CA SER A 410 -18.03 7.26 1.78
C SER A 410 -18.36 8.56 2.48
N PRO A 411 -19.60 9.06 2.38
CA PRO A 411 -19.92 10.33 3.04
C PRO A 411 -19.58 10.36 4.53
N ASP A 412 -19.75 9.25 5.24
CA ASP A 412 -19.33 9.15 6.64
C ASP A 412 -17.94 8.53 6.77
N GLU A 413 -17.13 8.61 5.73
CA GLU A 413 -15.69 8.32 5.78
C GLU A 413 -15.42 6.85 6.11
N TYR A 414 -16.11 5.97 5.39
CA TYR A 414 -15.78 4.54 5.35
C TYR A 414 -15.16 4.23 4.00
N TYR A 415 -14.55 3.05 3.90
CA TYR A 415 -13.88 2.68 2.66
C TYR A 415 -14.88 2.57 1.53
N ALA A 416 -14.47 3.09 0.37
CA ALA A 416 -15.21 2.94 -0.87
C ALA A 416 -14.20 2.72 -1.98
N ARG A 417 -14.57 1.89 -2.95
CA ARG A 417 -13.68 1.57 -4.06
C ARG A 417 -13.82 2.62 -5.15
N SER A 418 -12.70 3.22 -5.53
CA SER A 418 -12.69 4.22 -6.59
C SER A 418 -12.68 3.53 -7.96
N GLU A 419 -12.84 4.35 -9.00
CA GLU A 419 -12.97 3.82 -10.34
C GLU A 419 -11.69 3.16 -10.83
N ASP A 420 -10.52 3.67 -10.43
CA ASP A 420 -9.24 3.16 -10.90
C ASP A 420 -8.48 2.40 -9.83
N TYR A 421 -9.14 2.03 -8.72
CA TYR A 421 -8.44 1.41 -7.60
C TYR A 421 -7.78 0.10 -8.00
N VAL A 422 -8.52 -0.77 -8.68
CA VAL A 422 -8.00 -2.08 -9.06
C VAL A 422 -6.86 -1.93 -10.07
N GLU A 423 -6.97 -0.97 -10.99
CA GLU A 423 -5.88 -0.75 -11.94
C GLU A 423 -4.59 -0.36 -11.22
N LEU A 424 -4.70 0.43 -10.15
CA LEU A 424 -3.51 0.85 -9.41
C LEU A 424 -2.94 -0.31 -8.61
N VAL A 425 -3.79 -1.07 -7.93
CA VAL A 425 -3.31 -2.20 -7.13
C VAL A 425 -2.64 -3.23 -8.01
N GLN A 426 -3.25 -3.53 -9.15
CA GLN A 426 -2.66 -4.46 -10.11
C GLN A 426 -1.54 -3.84 -10.91
N ARG A 427 -1.24 -2.56 -10.70
CA ARG A 427 -0.17 -1.85 -11.39
C ARG A 427 -0.35 -1.88 -12.91
N LYS A 428 -1.61 -1.84 -13.35
CA LYS A 428 -1.90 -1.56 -14.76
C LYS A 428 -1.61 -0.10 -15.08
N ARG A 429 -1.87 0.80 -14.13
CA ARG A 429 -1.46 2.19 -14.23
C ARG A 429 -0.51 2.48 -13.08
N VAL A 430 0.68 3.00 -13.40
CA VAL A 430 1.68 3.27 -12.37
C VAL A 430 2.05 4.75 -12.41
N GLY A 431 2.37 5.28 -11.23
CA GLY A 431 2.69 6.68 -11.08
C GLY A 431 2.68 7.06 -9.61
N VAL A 432 2.41 8.34 -9.36
CA VAL A 432 2.28 8.91 -8.03
C VAL A 432 0.91 9.55 -7.95
N TRP A 433 0.05 9.04 -7.08
CA TRP A 433 -1.37 9.33 -7.13
C TRP A 433 -1.82 10.10 -5.90
N ASN A 434 -2.68 11.11 -6.11
CA ASN A 434 -3.28 11.88 -5.03
C ASN A 434 -4.48 11.11 -4.48
N VAL A 435 -4.36 10.57 -3.26
CA VAL A 435 -5.38 9.66 -2.75
C VAL A 435 -5.96 10.15 -1.41
N PRO A 436 -7.17 9.74 -1.02
CA PRO A 436 -7.76 10.25 0.23
C PRO A 436 -7.20 9.61 1.49
N TYR A 437 -6.53 8.46 1.41
CA TYR A 437 -6.16 7.71 2.61
C TYR A 437 -4.90 6.90 2.33
N ILE A 438 -3.95 6.94 3.26
CA ILE A 438 -2.75 6.10 3.23
C ILE A 438 -2.50 5.59 4.64
N SER A 439 -1.69 4.53 4.73
CA SER A 439 -1.42 3.92 6.02
C SER A 439 -0.17 3.05 5.96
N GLN A 440 0.32 2.70 7.14
CA GLN A 440 1.31 1.64 7.36
C GLN A 440 2.73 1.99 6.91
N ALA A 441 2.87 2.84 5.90
CA ALA A 441 4.20 3.27 5.47
C ALA A 441 4.07 4.58 4.72
N TYR A 442 4.74 5.62 5.21
CA TYR A 442 4.74 6.89 4.50
C TYR A 442 5.91 7.74 4.97
N VAL A 443 6.34 8.65 4.10
CA VAL A 443 7.43 9.58 4.38
C VAL A 443 6.87 11.00 4.34
N ILE A 444 7.10 11.75 5.41
CA ILE A 444 6.57 13.10 5.55
C ILE A 444 7.73 14.07 5.69
N ARG A 445 7.68 15.15 4.91
CA ARG A 445 8.68 16.20 5.01
C ARG A 445 8.59 16.87 6.37
N GLY A 446 9.75 17.01 7.03
CA GLY A 446 9.76 17.60 8.37
C GLY A 446 9.32 19.06 8.38
N ASP A 447 9.67 19.79 7.31
CA ASP A 447 9.22 21.18 7.18
C ASP A 447 7.69 21.27 7.19
N THR A 448 7.01 20.27 6.65
CA THR A 448 5.55 20.31 6.63
C THR A 448 4.99 20.19 8.04
N LEU A 449 5.59 19.36 8.88
CA LEU A 449 5.11 19.20 10.26
C LEU A 449 5.29 20.47 11.05
N ARG A 450 6.36 21.21 10.78
CA ARG A 450 6.64 22.43 11.55
C ARG A 450 5.81 23.59 11.05
N MET A 451 5.75 23.80 9.74
CA MET A 451 5.08 24.97 9.19
CA MET A 451 5.09 24.98 9.20
C MET A 451 3.58 24.75 9.03
N GLU A 452 3.19 23.66 8.40
CA GLU A 452 1.80 23.48 8.00
C GLU A 452 0.96 22.61 8.94
N LEU A 453 1.57 21.82 9.81
CA LEU A 453 0.82 20.95 10.70
C LEU A 453 1.48 20.93 12.08
N PRO A 454 1.50 22.07 12.78
CA PRO A 454 2.29 22.14 14.02
C PRO A 454 1.61 21.51 15.23
N GLN A 455 0.33 21.16 15.13
CA GLN A 455 -0.37 20.67 16.31
C GLN A 455 0.13 19.29 16.71
N ARG A 456 -0.06 18.97 17.98
CA ARG A 456 0.34 17.68 18.52
C ARG A 456 -0.72 16.60 18.27
N ASP A 457 -2.00 16.96 18.31
CA ASP A 457 -3.08 15.98 18.17
C ASP A 457 -3.36 15.73 16.70
N VAL A 458 -2.42 15.04 16.05
CA VAL A 458 -2.59 14.63 14.66
C VAL A 458 -3.41 13.35 14.58
N PHE A 459 -3.03 12.33 15.36
CA PHE A 459 -3.75 11.07 15.38
C PHE A 459 -4.79 11.00 16.49
N SER A 460 -4.64 11.80 17.54
CA SER A 460 -5.50 11.77 18.71
C SER A 460 -6.45 12.97 18.71
N GLY A 461 -7.24 13.07 19.78
CA GLY A 461 -8.11 14.20 19.99
C GLY A 461 -9.57 13.96 19.66
N SER A 462 -9.93 12.75 19.24
CA SER A 462 -11.31 12.46 18.87
C SER A 462 -11.55 10.97 19.05
N ASP A 463 -12.80 10.56 18.79
CA ASP A 463 -13.16 9.16 18.83
C ASP A 463 -13.01 8.47 17.48
N THR A 464 -12.53 9.19 16.47
CA THR A 464 -12.24 8.56 15.19
C THR A 464 -10.92 7.81 15.25
N ASP A 465 -10.73 6.90 14.30
CA ASP A 465 -9.57 6.03 14.32
C ASP A 465 -8.29 6.84 14.15
N PRO A 466 -7.20 6.47 14.84
CA PRO A 466 -5.94 7.23 14.70
C PRO A 466 -5.44 7.33 13.28
N ASP A 467 -5.60 6.27 12.49
CA ASP A 467 -5.10 6.30 11.12
C ASP A 467 -5.93 7.22 10.23
N MET A 468 -7.25 7.25 10.45
CA MET A 468 -8.11 8.14 9.68
C MET A 468 -7.97 9.59 10.16
N ALA A 469 -7.82 9.80 11.47
CA ALA A 469 -7.60 11.15 11.98
C ALA A 469 -6.35 11.78 11.38
N PHE A 470 -5.34 10.95 11.12
CA PHE A 470 -4.10 11.45 10.54
C PHE A 470 -4.32 11.94 9.11
N CYS A 471 -5.00 11.14 8.28
CA CYS A 471 -5.28 11.55 6.91
C CYS A 471 -6.16 12.79 6.87
N LYS A 472 -7.23 12.81 7.68
CA LYS A 472 -8.09 13.99 7.73
C LYS A 472 -7.31 15.23 8.13
N SER A 473 -6.35 15.08 9.05
CA SER A 473 -5.57 16.23 9.51
C SER A 473 -4.79 16.86 8.37
N PHE A 474 -4.21 16.04 7.49
CA PHE A 474 -3.49 16.57 6.35
C PHE A 474 -4.45 17.07 5.28
N ARG A 475 -5.56 16.37 5.04
CA ARG A 475 -6.52 16.87 4.06
C ARG A 475 -7.07 18.22 4.48
N ASP A 476 -7.33 18.41 5.78
CA ASP A 476 -7.91 19.67 6.24
C ASP A 476 -6.99 20.86 5.99
N LYS A 477 -5.69 20.63 5.85
CA LYS A 477 -4.75 21.69 5.55
C LYS A 477 -4.42 21.79 4.07
N GLY A 478 -5.16 21.10 3.21
CA GLY A 478 -4.86 21.11 1.79
C GLY A 478 -3.60 20.39 1.40
N ILE A 479 -3.11 19.49 2.25
CA ILE A 479 -1.91 18.71 1.96
C ILE A 479 -2.32 17.44 1.21
N PHE A 480 -1.70 17.22 0.05
CA PHE A 480 -1.95 16.01 -0.70
C PHE A 480 -1.31 14.80 -0.01
N LEU A 481 -1.99 13.65 -0.10
CA LEU A 481 -1.45 12.36 0.33
C LEU A 481 -1.11 11.58 -0.93
N HIS A 482 0.18 11.43 -1.21
CA HIS A 482 0.64 10.79 -2.43
C HIS A 482 0.93 9.31 -2.19
N LEU A 483 0.70 8.52 -3.24
CA LEU A 483 0.93 7.08 -3.21
C LEU A 483 1.68 6.70 -4.47
N SER A 484 2.78 5.98 -4.32
CA SER A 484 3.61 5.58 -5.45
C SER A 484 3.51 4.07 -5.66
N ASN A 485 3.04 3.67 -6.84
CA ASN A 485 3.19 2.30 -7.30
C ASN A 485 4.16 2.20 -8.47
N GLN A 486 5.00 3.23 -8.65
CA GLN A 486 5.96 3.25 -9.74
C GLN A 486 6.98 2.11 -9.63
N HIS A 487 7.14 1.52 -8.45
CA HIS A 487 8.03 0.39 -8.26
C HIS A 487 7.32 -0.66 -7.41
N GLU A 488 7.95 -1.83 -7.31
CA GLU A 488 7.53 -2.86 -6.39
CA GLU A 488 7.53 -2.86 -6.39
C GLU A 488 8.19 -2.59 -5.04
N PHE A 489 7.39 -2.21 -4.06
CA PHE A 489 7.91 -1.81 -2.76
C PHE A 489 7.86 -2.93 -1.72
N GLY A 490 6.75 -3.67 -1.64
CA GLY A 490 6.64 -4.74 -0.66
C GLY A 490 5.25 -5.32 -0.55
N ARG A 491 4.81 -5.65 0.66
CA ARG A 491 3.50 -6.25 0.87
C ARG A 491 3.09 -6.03 2.33
N LEU A 492 1.87 -6.46 2.64
CA LEU A 492 1.31 -6.33 3.98
C LEU A 492 1.03 -7.70 4.58
N LEU A 493 1.54 -7.93 5.78
CA LEU A 493 1.25 -9.19 6.48
C LEU A 493 -0.18 -9.20 6.98
N ALA A 494 -0.77 -10.38 7.02
CA ALA A 494 -2.05 -10.56 7.69
C ALA A 494 -1.81 -10.76 9.18
N THR A 495 -2.44 -9.92 10.00
CA THR A 495 -2.35 -10.03 11.45
C THR A 495 -3.71 -10.26 12.07
N SER A 496 -4.74 -10.49 11.25
CA SER A 496 -6.13 -10.43 11.69
C SER A 496 -6.40 -11.41 12.83
N ARG A 497 -6.18 -12.71 12.60
CA ARG A 497 -6.34 -13.71 13.65
C ARG A 497 -5.04 -14.51 13.74
N TYR A 498 -4.14 -14.03 14.59
CA TYR A 498 -2.80 -14.57 14.76
C TYR A 498 -2.74 -15.23 16.13
N ASP A 499 -2.82 -16.56 16.15
CA ASP A 499 -2.89 -17.31 17.40
C ASP A 499 -1.54 -17.26 18.08
N THR A 500 -1.47 -16.53 19.20
CA THR A 500 -0.24 -16.33 19.94
C THR A 500 -0.01 -17.43 20.97
N GLU A 501 -0.92 -18.38 21.12
CA GLU A 501 -0.81 -19.43 22.13
C GLU A 501 -0.06 -20.64 21.56
N HIS A 502 1.21 -20.39 21.23
CA HIS A 502 2.13 -21.44 20.81
C HIS A 502 3.52 -21.07 21.28
N LEU A 503 4.41 -22.06 21.32
CA LEU A 503 5.81 -21.76 21.60
C LEU A 503 6.45 -21.01 20.44
N HIS A 504 6.00 -21.27 19.22
CA HIS A 504 6.49 -20.58 18.03
C HIS A 504 5.30 -20.34 17.11
N PRO A 505 4.52 -19.29 17.36
CA PRO A 505 3.29 -19.08 16.58
C PRO A 505 3.51 -18.93 15.09
N ASP A 506 4.69 -18.44 14.67
CA ASP A 506 4.94 -18.28 13.24
C ASP A 506 4.94 -19.61 12.50
N LEU A 507 5.11 -20.72 13.21
CA LEU A 507 5.02 -22.02 12.55
C LEU A 507 3.63 -22.27 11.99
N TRP A 508 2.60 -21.68 12.60
CA TRP A 508 1.22 -21.86 12.17
C TRP A 508 0.76 -20.81 11.17
N GLN A 509 1.70 -20.04 10.59
CA GLN A 509 1.37 -18.98 9.64
C GLN A 509 1.46 -19.42 8.19
N ILE A 510 1.41 -20.73 7.93
CA ILE A 510 1.55 -21.20 6.55
C ILE A 510 0.33 -20.80 5.72
N PHE A 511 -0.84 -20.65 6.35
CA PHE A 511 -2.04 -20.28 5.60
C PHE A 511 -2.13 -18.77 5.40
N ASP A 512 -2.00 -18.01 6.50
CA ASP A 512 -2.28 -16.58 6.45
C ASP A 512 -1.22 -15.81 5.66
N ASN A 513 0.05 -16.13 5.88
CA ASN A 513 1.16 -15.46 5.19
C ASN A 513 2.07 -16.49 4.56
N PRO A 514 1.60 -17.14 3.49
CA PRO A 514 2.39 -18.23 2.88
C PRO A 514 3.70 -17.75 2.27
N VAL A 515 3.73 -16.55 1.69
CA VAL A 515 4.96 -16.08 1.07
C VAL A 515 6.06 -15.92 2.12
N ASP A 516 5.72 -15.27 3.24
CA ASP A 516 6.69 -15.07 4.31
C ASP A 516 6.97 -16.36 5.07
N TRP A 517 5.98 -17.24 5.16
CA TRP A 517 6.21 -18.54 5.78
C TRP A 517 7.25 -19.34 5.01
N LYS A 518 7.22 -19.24 3.67
CA LYS A 518 8.20 -19.97 2.86
C LYS A 518 9.60 -19.41 3.06
N GLU A 519 9.74 -18.08 3.14
CA GLU A 519 11.05 -17.48 3.27
C GLU A 519 11.69 -17.83 4.61
N GLN A 520 10.88 -18.09 5.63
CA GLN A 520 11.42 -18.39 6.95
C GLN A 520 11.65 -19.88 7.17
N TYR A 521 10.76 -20.73 6.67
CA TYR A 521 10.75 -22.15 7.05
C TYR A 521 11.10 -23.12 5.94
N ILE A 522 10.88 -22.76 4.67
CA ILE A 522 11.28 -23.63 3.57
C ILE A 522 12.75 -23.39 3.26
N HIS A 523 13.48 -24.49 3.01
CA HIS A 523 14.91 -24.41 2.72
C HIS A 523 15.17 -23.45 1.57
N GLU A 524 16.27 -22.69 1.68
CA GLU A 524 16.52 -21.63 0.71
C GLU A 524 16.80 -22.19 -0.68
N ASN A 525 17.38 -23.37 -0.78
CA ASN A 525 17.70 -23.95 -2.09
C ASN A 525 16.63 -24.92 -2.57
N TYR A 526 15.44 -24.93 -1.94
CA TYR A 526 14.39 -25.84 -2.39
C TYR A 526 13.95 -25.51 -3.80
N SER A 527 13.62 -24.25 -4.07
CA SER A 527 13.11 -23.87 -5.38
C SER A 527 14.13 -24.12 -6.47
N ARG A 528 15.41 -23.87 -6.19
CA ARG A 528 16.47 -24.18 -7.14
C ARG A 528 16.52 -25.68 -7.41
N ALA A 529 16.41 -26.49 -6.37
CA ALA A 529 16.39 -27.94 -6.55
C ALA A 529 15.16 -28.38 -7.35
N LEU A 530 14.02 -27.75 -7.08
CA LEU A 530 12.81 -28.12 -7.80
C LEU A 530 12.89 -27.74 -9.28
N GLU A 531 13.59 -26.66 -9.59
CA GLU A 531 13.77 -26.21 -10.97
C GLU A 531 14.90 -26.93 -11.69
N GLY A 532 15.39 -28.03 -11.15
CA GLY A 532 16.54 -28.70 -11.72
C GLY A 532 17.83 -28.32 -11.01
N GLU A 533 18.80 -27.77 -11.75
CA GLU A 533 20.06 -27.26 -11.24
C GLU A 533 20.91 -28.30 -10.52
N GLY A 534 20.54 -29.58 -10.62
CA GLY A 534 21.38 -30.64 -10.09
C GLY A 534 21.55 -30.70 -8.59
N ILE A 535 20.66 -30.08 -7.83
CA ILE A 535 20.75 -30.14 -6.37
C ILE A 535 20.20 -31.47 -5.85
N VAL A 536 19.08 -31.93 -6.42
CA VAL A 536 18.49 -33.19 -5.99
C VAL A 536 19.47 -34.32 -6.22
N GLU A 537 19.57 -35.21 -5.23
CA GLU A 537 20.47 -36.36 -5.28
C GLU A 537 19.67 -37.65 -5.21
N GLN A 538 20.37 -38.76 -5.47
CA GLN A 538 19.77 -40.10 -5.47
C GLN A 538 20.73 -41.04 -4.77
N PRO A 539 20.82 -40.96 -3.43
CA PRO A 539 21.83 -41.75 -2.71
C PRO A 539 21.65 -43.24 -2.84
N CYS A 540 20.43 -43.71 -3.01
CA CYS A 540 20.10 -45.11 -3.24
C CYS A 540 19.19 -45.18 -4.47
N PRO A 541 19.08 -46.38 -5.10
CA PRO A 541 18.41 -46.47 -6.42
C PRO A 541 17.18 -45.60 -6.62
N ASP A 542 16.06 -45.92 -5.98
CA ASP A 542 14.84 -45.14 -6.15
C ASP A 542 14.56 -44.25 -4.94
N VAL A 543 15.61 -43.78 -4.28
CA VAL A 543 15.50 -42.90 -3.11
C VAL A 543 16.11 -41.56 -3.47
N TYR A 544 15.29 -40.51 -3.40
CA TYR A 544 15.72 -39.17 -3.77
C TYR A 544 15.95 -38.32 -2.52
N TRP A 545 16.81 -37.31 -2.68
CA TRP A 545 17.32 -36.53 -1.57
C TRP A 545 17.30 -35.07 -2.02
N PHE A 546 16.55 -34.22 -1.32
CA PHE A 546 16.40 -32.84 -1.74
C PHE A 546 16.25 -31.95 -0.51
N PRO A 547 16.71 -30.69 -0.58
CA PRO A 547 16.54 -29.79 0.57
C PRO A 547 15.10 -29.32 0.69
N LEU A 548 14.56 -29.38 1.90
CA LEU A 548 13.15 -29.08 2.12
C LEU A 548 12.93 -28.04 3.22
N LEU A 549 13.40 -28.30 4.43
CA LEU A 549 13.15 -27.43 5.56
C LEU A 549 14.40 -26.63 5.91
N SER A 550 14.20 -25.37 6.27
CA SER A 550 15.30 -24.55 6.74
C SER A 550 15.66 -24.94 8.17
N GLU A 551 16.89 -24.61 8.58
CA GLU A 551 17.35 -24.97 9.91
C GLU A 551 16.47 -24.37 11.00
N GLN A 552 15.76 -23.28 10.71
CA GLN A 552 14.87 -22.69 11.71
C GLN A 552 13.59 -23.50 11.88
N MET A 553 13.02 -24.00 10.76
CA MET A 553 11.84 -24.86 10.84
C MET A 553 12.14 -26.11 11.66
N CYS A 554 13.30 -26.74 11.41
CA CYS A 554 13.65 -27.95 12.16
C CYS A 554 13.77 -27.66 13.64
N ASP A 555 14.47 -26.57 14.00
CA ASP A 555 14.67 -26.26 15.41
C ASP A 555 13.35 -25.92 16.09
N GLU A 556 12.48 -25.19 15.41
CA GLU A 556 11.20 -24.84 16.04
C GLU A 556 10.27 -26.04 16.10
N LEU A 557 10.26 -26.88 15.07
CA LEU A 557 9.40 -28.06 15.09
C LEU A 557 9.84 -29.02 16.19
N VAL A 558 11.15 -29.28 16.30
CA VAL A 558 11.66 -30.12 17.38
C VAL A 558 11.31 -29.51 18.73
N ALA A 559 11.53 -28.19 18.88
CA ALA A 559 11.22 -27.53 20.14
C ALA A 559 9.74 -27.64 20.47
N GLU A 560 8.88 -27.53 19.46
CA GLU A 560 7.45 -27.64 19.67
C GLU A 560 7.07 -29.05 20.10
N MET A 561 7.78 -30.06 19.59
CA MET A 561 7.52 -31.44 19.97
C MET A 561 7.88 -31.68 21.43
N GLU A 562 9.08 -31.28 21.83
CA GLU A 562 9.49 -31.46 23.23
C GLU A 562 8.63 -30.64 24.17
N HIS A 563 8.13 -29.50 23.71
CA HIS A 563 7.25 -28.69 24.55
C HIS A 563 5.97 -29.43 24.89
N TYR A 564 5.46 -30.21 23.93
CA TYR A 564 4.35 -31.12 24.22
C TYR A 564 4.80 -32.23 25.18
N GLY A 565 5.89 -32.92 24.84
CA GLY A 565 6.56 -33.83 25.75
C GLY A 565 5.96 -35.21 25.89
N GLN A 566 4.74 -35.43 25.43
CA GLN A 566 4.07 -36.72 25.62
C GLN A 566 4.39 -37.65 24.45
N TRP A 567 5.61 -38.18 24.47
CA TRP A 567 6.03 -39.14 23.47
C TRP A 567 5.36 -40.49 23.73
N SER A 568 5.26 -41.29 22.67
CA SER A 568 4.61 -42.58 22.76
C SER A 568 5.58 -43.64 23.28
N GLY A 569 5.01 -44.73 23.79
CA GLY A 569 5.82 -45.79 24.37
C GLY A 569 5.22 -47.18 24.21
N GLY A 570 4.82 -47.78 25.33
CA GLY A 570 4.23 -49.11 25.27
C GLY A 570 2.82 -49.09 24.72
N ARG A 571 2.48 -50.13 23.96
CA ARG A 571 1.22 -50.35 23.23
C ARG A 571 1.07 -49.41 22.04
N HIS A 572 2.07 -48.60 21.73
CA HIS A 572 2.00 -47.70 20.58
C HIS A 572 2.02 -48.49 19.29
N GLU A 573 1.13 -48.16 18.37
CA GLU A 573 0.98 -48.89 17.12
C GLU A 573 1.20 -47.96 15.94
N ASP A 574 1.81 -48.50 14.88
CA ASP A 574 2.10 -47.73 13.67
C ASP A 574 1.68 -48.54 12.45
N SER A 575 1.69 -47.87 11.30
CA SER A 575 1.29 -48.48 10.03
C SER A 575 2.52 -49.01 9.29
N ARG A 576 3.22 -49.93 9.93
CA ARG A 576 4.41 -50.54 9.36
C ARG A 576 4.20 -52.05 9.24
N LEU A 577 4.71 -52.61 8.14
CA LEU A 577 4.54 -54.02 7.82
C LEU A 577 5.90 -54.70 7.90
N ALA A 578 6.03 -55.68 8.79
CA ALA A 578 7.29 -56.41 8.95
C ALA A 578 7.01 -57.87 9.24
N GLY A 579 7.56 -58.76 8.40
CA GLY A 579 7.47 -60.19 8.58
C GLY A 579 6.07 -60.69 8.87
N GLY A 580 5.12 -60.38 8.00
CA GLY A 580 3.74 -60.75 8.22
C GLY A 580 2.92 -59.59 8.76
N TYR A 581 1.70 -59.91 9.19
CA TYR A 581 0.74 -58.92 9.69
C TYR A 581 1.08 -58.57 11.15
N GLU A 582 2.19 -57.83 11.31
CA GLU A 582 2.58 -57.31 12.61
C GLU A 582 3.12 -55.90 12.44
N ASN A 583 3.09 -55.13 13.53
CA ASN A 583 3.38 -53.70 13.48
C ASN A 583 4.64 -53.38 14.28
N VAL A 584 5.37 -52.38 13.80
CA VAL A 584 6.64 -51.95 14.36
C VAL A 584 6.43 -50.56 14.97
N PRO A 585 6.73 -50.35 16.25
CA PRO A 585 6.49 -49.04 16.85
C PRO A 585 7.72 -48.16 16.94
N THR A 586 7.50 -46.87 17.22
CA THR A 586 8.55 -45.90 17.44
C THR A 586 8.14 -44.95 18.55
N VAL A 587 9.12 -44.41 19.25
CA VAL A 587 8.88 -43.29 20.17
C VAL A 587 8.65 -42.06 19.31
N ASP A 588 7.41 -41.59 19.24
CA ASP A 588 7.07 -40.53 18.31
C ASP A 588 5.93 -39.69 18.85
N ILE A 589 5.65 -38.60 18.13
CA ILE A 589 4.53 -37.70 18.39
C ILE A 589 3.92 -37.35 17.04
N HIS A 590 2.62 -37.51 16.92
CA HIS A 590 1.92 -37.22 15.68
C HIS A 590 1.54 -35.74 15.61
N MET A 591 1.49 -35.22 14.38
CA MET A 591 1.10 -33.84 14.17
C MET A 591 -0.28 -33.55 14.71
N LYS A 592 -1.19 -34.53 14.64
CA LYS A 592 -2.54 -34.33 15.15
C LYS A 592 -2.53 -34.00 16.64
N GLN A 593 -1.57 -34.57 17.39
CA GLN A 593 -1.52 -34.36 18.84
C GLN A 593 -1.20 -32.90 19.18
N VAL A 594 -0.34 -32.26 18.39
CA VAL A 594 0.14 -30.93 18.70
C VAL A 594 -0.68 -29.92 17.89
N GLY A 595 -1.71 -30.42 17.19
CA GLY A 595 -2.55 -29.57 16.37
C GLY A 595 -1.83 -28.95 15.19
N TYR A 596 -0.92 -29.70 14.56
CA TYR A 596 -0.17 -29.19 13.41
C TYR A 596 -0.38 -30.01 12.15
N GLU A 597 -1.33 -30.95 12.15
CA GLU A 597 -1.54 -31.77 10.96
C GLU A 597 -2.04 -30.93 9.78
N ASP A 598 -3.05 -30.09 10.02
CA ASP A 598 -3.56 -29.23 8.94
C ASP A 598 -2.45 -28.41 8.33
N GLN A 599 -1.52 -27.93 9.16
CA GLN A 599 -0.42 -27.11 8.65
C GLN A 599 0.61 -27.96 7.93
N TRP A 600 0.93 -29.14 8.46
CA TRP A 600 1.88 -30.00 7.79
C TRP A 600 1.30 -30.56 6.49
N LEU A 601 0.01 -30.90 6.49
CA LEU A 601 -0.64 -31.33 5.25
C LEU A 601 -0.55 -30.25 4.18
N GLN A 602 -0.67 -28.99 4.59
CA GLN A 602 -0.54 -27.89 3.64
C GLN A 602 0.86 -27.85 3.03
N LEU A 603 1.89 -28.02 3.86
CA LEU A 603 3.26 -28.06 3.34
C LEU A 603 3.43 -29.23 2.37
N LEU A 604 2.83 -30.37 2.68
CA LEU A 604 2.93 -31.53 1.80
C LEU A 604 2.35 -31.22 0.42
N ARG A 605 1.18 -30.59 0.38
CA ARG A 605 0.57 -30.22 -0.88
C ARG A 605 1.46 -29.26 -1.67
N THR A 606 1.94 -28.21 -1.01
CA THR A 606 2.56 -27.10 -1.74
C THR A 606 3.97 -27.44 -2.20
N TYR A 607 4.73 -28.15 -1.37
CA TYR A 607 6.16 -28.33 -1.61
C TYR A 607 6.57 -29.76 -1.86
N VAL A 608 6.05 -30.73 -1.10
CA VAL A 608 6.44 -32.12 -1.32
C VAL A 608 5.82 -32.67 -2.60
N GLY A 609 4.53 -32.38 -2.82
CA GLY A 609 3.81 -32.85 -3.98
C GLY A 609 4.49 -32.54 -5.30
N PRO A 610 4.63 -31.27 -5.64
CA PRO A 610 5.30 -30.92 -6.90
C PRO A 610 6.70 -31.49 -7.04
N MET A 611 7.42 -31.69 -5.94
CA MET A 611 8.73 -32.31 -6.02
C MET A 611 8.61 -33.78 -6.40
N THR A 612 7.60 -34.47 -5.85
CA THR A 612 7.45 -35.89 -6.12
C THR A 612 7.05 -36.16 -7.57
N GLU A 613 6.16 -35.32 -8.12
CA GLU A 613 5.77 -35.48 -9.52
C GLU A 613 6.92 -35.14 -10.45
N SER A 614 7.83 -34.27 -10.01
CA SER A 614 9.00 -33.96 -10.83
C SER A 614 9.98 -35.12 -10.86
N LEU A 615 10.27 -35.71 -9.70
CA LEU A 615 11.25 -36.78 -9.61
C LEU A 615 10.71 -38.13 -10.04
N PHE A 616 9.39 -38.28 -10.16
CA PHE A 616 8.76 -39.52 -10.61
C PHE A 616 7.83 -39.19 -11.77
N PRO A 617 8.38 -38.96 -12.96
CA PRO A 617 7.55 -38.60 -14.11
C PRO A 617 6.44 -39.62 -14.34
N GLY A 618 5.21 -39.11 -14.44
CA GLY A 618 4.04 -39.93 -14.65
C GLY A 618 3.16 -40.11 -13.42
N TYR A 619 3.73 -39.89 -12.23
CA TYR A 619 2.99 -40.03 -10.98
C TYR A 619 2.32 -38.70 -10.61
N HIS A 620 1.05 -38.77 -10.25
CA HIS A 620 0.30 -37.61 -9.79
C HIS A 620 -0.19 -37.86 -8.36
N THR A 621 -0.24 -36.79 -7.57
CA THR A 621 -0.56 -36.93 -6.15
C THR A 621 -1.19 -35.65 -5.64
N LYS A 622 -2.14 -35.81 -4.70
CA LYS A 622 -2.66 -34.72 -3.90
C LYS A 622 -2.03 -34.68 -2.51
N ALA A 623 -0.98 -35.48 -2.30
CA ALA A 623 -0.22 -35.49 -1.05
C ALA A 623 -1.09 -35.87 0.15
N ARG A 624 -1.91 -36.91 -0.02
CA ARG A 624 -2.69 -37.42 1.10
C ARG A 624 -1.76 -38.11 2.09
N ALA A 625 -2.03 -37.91 3.38
CA ALA A 625 -1.20 -38.52 4.43
C ALA A 625 -1.98 -38.59 5.72
N VAL A 626 -2.26 -39.81 6.18
CA VAL A 626 -2.86 -40.03 7.49
C VAL A 626 -1.78 -40.09 8.57
N MET A 627 -0.64 -40.70 8.28
CA MET A 627 0.44 -40.85 9.25
C MET A 627 1.47 -39.76 9.01
N ASN A 628 1.50 -38.77 9.90
CA ASN A 628 2.52 -37.72 9.93
C ASN A 628 3.00 -37.61 11.37
N PHE A 629 4.30 -37.80 11.60
CA PHE A 629 4.79 -37.88 12.97
C PHE A 629 6.29 -37.61 13.02
N VAL A 630 6.73 -37.18 14.20
CA VAL A 630 8.15 -36.92 14.48
C VAL A 630 8.69 -38.06 15.33
N VAL A 631 9.74 -38.71 14.85
CA VAL A 631 10.38 -39.81 15.57
C VAL A 631 11.55 -39.28 16.37
N ARG A 632 11.72 -39.80 17.59
CA ARG A 632 12.88 -39.52 18.42
C ARG A 632 13.63 -40.81 18.67
N TYR A 633 14.94 -40.78 18.43
CA TYR A 633 15.83 -41.92 18.68
C TYR A 633 16.83 -41.54 19.76
N ARG A 634 16.95 -42.39 20.77
CA ARG A 634 17.92 -42.22 21.85
C ARG A 634 18.44 -43.57 22.29
N PRO A 635 19.72 -43.67 22.67
CA PRO A 635 20.22 -44.92 23.27
C PRO A 635 19.55 -45.24 24.58
N ASP A 636 19.14 -44.21 25.33
CA ASP A 636 18.38 -44.39 26.56
C ASP A 636 17.08 -45.15 26.28
N GLU A 637 16.28 -44.72 25.30
CA GLU A 637 15.04 -45.44 24.97
C GLU A 637 15.12 -46.30 23.72
N GLN A 638 14.56 -45.82 22.60
CA GLN A 638 14.48 -46.62 21.39
C GLN A 638 15.53 -46.11 20.41
N PRO A 639 16.59 -46.82 20.19
CA PRO A 639 17.67 -46.24 19.37
C PRO A 639 17.56 -46.62 17.89
N SER A 640 16.74 -47.61 17.54
CA SER A 640 16.76 -48.19 16.20
C SER A 640 15.33 -48.49 15.75
N LEU A 641 15.21 -49.01 14.53
CA LEU A 641 13.92 -49.36 13.94
C LEU A 641 14.16 -50.53 12.99
N ARG A 642 13.58 -51.69 13.31
CA ARG A 642 13.93 -52.93 12.61
C ARG A 642 13.36 -52.91 11.18
N PRO A 643 13.86 -53.79 10.30
CA PRO A 643 13.42 -53.76 8.90
C PRO A 643 11.91 -53.90 8.75
N HIS A 644 11.33 -53.14 7.82
CA HIS A 644 9.88 -53.10 7.65
C HIS A 644 9.54 -52.39 6.35
N HIS A 645 8.26 -52.44 5.99
CA HIS A 645 7.70 -51.67 4.89
C HIS A 645 6.81 -50.56 5.43
N ASP A 646 6.41 -49.67 4.54
CA ASP A 646 5.56 -48.54 4.88
C ASP A 646 4.17 -48.73 4.31
N SER A 647 3.18 -48.28 5.07
CA SER A 647 1.80 -48.28 4.56
C SER A 647 1.58 -46.97 3.79
N SER A 648 2.26 -46.87 2.65
CA SER A 648 2.23 -45.66 1.84
C SER A 648 2.76 -45.97 0.46
N THR A 649 2.37 -45.13 -0.51
CA THR A 649 2.96 -45.23 -1.84
C THR A 649 4.39 -44.72 -1.83
N PHE A 650 4.62 -43.55 -1.22
CA PHE A 650 5.96 -43.06 -0.99
C PHE A 650 6.02 -42.41 0.39
N THR A 651 7.21 -42.42 0.98
CA THR A 651 7.42 -41.91 2.32
C THR A 651 8.39 -40.73 2.27
N LEU A 652 8.07 -39.69 3.03
CA LEU A 652 8.91 -38.52 3.19
C LEU A 652 9.63 -38.63 4.53
N ASN A 653 10.96 -38.56 4.52
CA ASN A 653 11.78 -38.73 5.72
C ASN A 653 12.71 -37.52 5.84
N VAL A 654 12.35 -36.57 6.69
CA VAL A 654 13.08 -35.32 6.84
C VAL A 654 13.90 -35.37 8.11
N ALA A 655 15.22 -35.22 7.98
CA ALA A 655 16.06 -35.03 9.16
C ALA A 655 15.69 -33.72 9.85
N LEU A 656 15.88 -33.68 11.17
CA LEU A 656 15.51 -32.50 11.94
C LEU A 656 16.64 -31.92 12.76
N ASN A 657 17.79 -32.60 12.87
CA ASN A 657 18.94 -32.05 13.57
C ASN A 657 20.21 -32.53 12.88
N HIS A 658 21.35 -32.25 13.49
CA HIS A 658 22.66 -32.49 12.89
C HIS A 658 23.24 -33.81 13.37
N LYS A 659 23.73 -34.61 12.44
CA LYS A 659 24.53 -35.77 12.81
C LYS A 659 25.91 -35.31 13.23
N GLY A 660 26.40 -35.86 14.35
CA GLY A 660 27.68 -35.45 14.89
C GLY A 660 27.53 -34.45 16.02
N LEU A 661 26.87 -33.33 15.73
CA LEU A 661 26.70 -32.29 16.74
C LEU A 661 25.65 -32.68 17.77
N ASP A 662 24.48 -33.12 17.31
CA ASP A 662 23.37 -33.46 18.18
C ASP A 662 23.23 -34.95 18.44
N TYR A 663 23.73 -35.80 17.54
CA TYR A 663 23.62 -37.23 17.75
C TYR A 663 24.70 -37.96 16.97
N GLU A 664 24.93 -39.21 17.36
CA GLU A 664 25.76 -40.14 16.62
C GLU A 664 24.95 -41.39 16.31
N GLY A 665 25.40 -42.14 15.32
CA GLY A 665 24.67 -43.30 14.89
C GLY A 665 24.08 -43.14 13.51
N GLY A 666 23.82 -44.27 12.87
CA GLY A 666 23.40 -44.29 11.49
C GLY A 666 21.98 -43.78 11.29
N GLY A 667 21.54 -43.85 10.03
CA GLY A 667 20.23 -43.34 9.66
C GLY A 667 19.34 -44.38 9.03
N CYS A 668 19.37 -44.48 7.70
CA CYS A 668 18.45 -45.35 6.97
C CYS A 668 19.21 -46.34 6.11
N ARG A 669 18.76 -47.59 6.13
CA ARG A 669 19.37 -48.67 5.36
C ARG A 669 18.29 -49.36 4.53
N PHE A 670 18.53 -49.47 3.22
CA PHE A 670 17.63 -50.16 2.31
C PHE A 670 18.22 -51.52 1.97
N LEU A 671 17.65 -52.57 2.56
CA LEU A 671 18.31 -53.89 2.59
C LEU A 671 18.39 -54.51 1.20
N ARG A 672 17.33 -54.40 0.40
CA ARG A 672 17.33 -55.06 -0.90
C ARG A 672 18.38 -54.47 -1.84
N TYR A 673 18.78 -53.22 -1.60
CA TYR A 673 19.77 -52.55 -2.44
C TYR A 673 21.14 -52.45 -1.80
N ASP A 674 21.31 -52.95 -0.58
CA ASP A 674 22.56 -52.87 0.15
C ASP A 674 23.12 -51.45 0.08
N CYS A 675 22.26 -50.49 0.38
CA CYS A 675 22.60 -49.07 0.28
C CYS A 675 22.18 -48.39 1.57
N VAL A 676 23.05 -47.50 2.08
CA VAL A 676 22.86 -46.88 3.38
C VAL A 676 23.00 -45.36 3.25
N ILE A 677 22.05 -44.63 3.83
CA ILE A 677 22.18 -43.19 3.99
C ILE A 677 23.04 -42.95 5.22
N SER A 678 24.36 -42.87 5.02
CA SER A 678 25.28 -42.84 6.15
C SER A 678 25.18 -41.52 6.92
N SER A 679 25.12 -40.40 6.21
CA SER A 679 25.14 -39.07 6.82
C SER A 679 23.91 -38.27 6.40
N PRO A 680 22.84 -38.27 7.19
CA PRO A 680 21.65 -37.47 6.85
C PRO A 680 21.95 -35.98 6.99
N ARG A 681 21.60 -35.22 5.96
CA ARG A 681 21.71 -33.77 6.00
C ARG A 681 20.49 -33.17 6.69
N LYS A 682 20.72 -32.19 7.56
CA LYS A 682 19.69 -31.73 8.49
C LYS A 682 18.43 -31.27 7.77
N GLY A 683 18.54 -30.24 6.93
CA GLY A 683 17.36 -29.71 6.27
C GLY A 683 16.76 -30.62 5.22
N TRP A 684 17.51 -31.62 4.77
CA TRP A 684 17.12 -32.38 3.59
C TRP A 684 16.10 -33.46 3.94
N ALA A 685 15.48 -34.02 2.89
CA ALA A 685 14.47 -35.06 3.06
C ALA A 685 14.73 -36.19 2.06
N LEU A 686 14.34 -37.40 2.46
CA LEU A 686 14.44 -38.57 1.60
C LEU A 686 13.06 -38.91 1.04
N LEU A 687 13.04 -39.36 -0.21
CA LEU A 687 11.81 -39.72 -0.90
C LEU A 687 12.01 -41.11 -1.50
N HIS A 688 11.28 -42.09 -0.98
CA HIS A 688 11.45 -43.47 -1.42
C HIS A 688 10.09 -44.14 -1.49
N PRO A 689 9.95 -45.19 -2.30
CA PRO A 689 8.71 -45.97 -2.29
C PRO A 689 8.52 -46.66 -0.96
N GLY A 690 7.26 -46.72 -0.52
CA GLY A 690 6.91 -47.30 0.76
C GLY A 690 6.60 -48.79 0.78
N ARG A 691 6.37 -49.41 -0.38
CA ARG A 691 5.90 -50.79 -0.41
C ARG A 691 6.77 -51.63 -1.35
N LEU A 692 6.75 -52.94 -1.09
CA LEU A 692 7.30 -53.95 -1.99
C LEU A 692 8.83 -53.92 -2.11
N THR A 693 9.38 -52.83 -2.64
CA THR A 693 10.79 -52.84 -3.05
C THR A 693 11.74 -52.29 -2.00
N HIS A 694 11.29 -51.40 -1.13
CA HIS A 694 12.24 -50.69 -0.29
C HIS A 694 12.11 -51.06 1.19
N TYR A 695 12.23 -52.36 1.48
CA TYR A 695 12.37 -52.84 2.85
C TYR A 695 13.48 -52.04 3.53
N HIS A 696 13.14 -51.18 4.50
CA HIS A 696 14.12 -50.28 5.06
C HIS A 696 14.20 -50.44 6.57
N GLU A 697 15.32 -49.99 7.13
CA GLU A 697 15.68 -50.18 8.53
C GLU A 697 16.33 -48.93 9.09
N GLY A 698 15.99 -48.59 10.33
CA GLY A 698 16.66 -47.46 10.97
C GLY A 698 17.86 -47.85 11.82
N LEU A 699 19.07 -47.46 11.42
CA LEU A 699 20.27 -47.90 12.11
C LEU A 699 20.31 -47.34 13.53
N PRO A 700 20.91 -48.07 14.47
CA PRO A 700 20.86 -47.64 15.88
C PRO A 700 21.55 -46.29 16.10
N THR A 701 20.89 -45.44 16.89
CA THR A 701 21.44 -44.13 17.24
C THR A 701 22.24 -44.33 18.53
N THR A 702 23.56 -44.09 18.45
CA THR A 702 24.46 -44.49 19.52
C THR A 702 24.70 -43.39 20.55
N TRP A 703 24.69 -42.13 20.15
CA TRP A 703 24.89 -41.04 21.09
C TRP A 703 23.92 -39.90 20.79
N GLY A 704 23.51 -39.19 21.83
CA GLY A 704 22.70 -38.01 21.65
C GLY A 704 21.24 -38.33 21.36
N THR A 705 20.62 -37.48 20.55
CA THR A 705 19.21 -37.62 20.19
C THR A 705 19.04 -37.31 18.72
N ARG A 706 18.36 -38.21 18.01
CA ARG A 706 18.13 -38.08 16.57
C ARG A 706 16.64 -37.87 16.32
N TYR A 707 16.30 -36.76 15.68
CA TYR A 707 14.93 -36.41 15.36
C TYR A 707 14.72 -36.46 13.85
N ILE A 708 13.58 -37.04 13.43
CA ILE A 708 13.18 -37.04 12.03
C ILE A 708 11.68 -36.78 11.94
N MET A 709 11.25 -36.31 10.78
CA MET A 709 9.84 -36.07 10.46
C MET A 709 9.43 -37.01 9.33
N VAL A 710 8.37 -37.79 9.55
CA VAL A 710 7.96 -38.85 8.63
C VAL A 710 6.51 -38.61 8.20
N SER A 711 6.25 -38.82 6.91
CA SER A 711 4.90 -38.77 6.35
C SER A 711 4.70 -39.96 5.43
N PHE A 712 3.65 -40.74 5.68
CA PHE A 712 3.28 -41.86 4.82
C PHE A 712 2.24 -41.36 3.82
N VAL A 713 2.71 -40.97 2.64
CA VAL A 713 1.88 -40.26 1.67
C VAL A 713 1.15 -41.25 0.79
N ASP A 714 -0.07 -40.90 0.42
CA ASP A 714 -0.91 -41.70 -0.49
C ASP A 714 -1.04 -43.13 0.04
N PRO A 715 -1.72 -43.34 1.17
CA PRO A 715 -1.92 -44.69 1.69
C PRO A 715 -3.12 -45.38 1.06
C1 NAG B . 22.43 -23.23 -1.03
C2 NAG B . 23.08 -23.60 0.32
C3 NAG B . 24.36 -22.80 0.54
C4 NAG B . 25.29 -22.93 -0.65
C5 NAG B . 24.56 -22.52 -1.92
C6 NAG B . 25.40 -22.67 -3.17
C7 NAG B . 22.24 -24.00 2.59
C8 NAG B . 21.18 -23.65 3.60
N2 NAG B . 22.14 -23.39 1.41
O3 NAG B . 25.02 -23.26 1.73
O4 NAG B . 26.45 -22.11 -0.46
O5 NAG B . 23.41 -23.36 -2.08
O6 NAG B . 25.22 -23.93 -3.78
O7 NAG B . 23.12 -24.81 2.85
C1 NAG B . 27.71 -22.47 -0.03
C2 NAG B . 28.90 -21.71 -0.61
C3 NAG B . 30.21 -22.43 -0.26
C4 NAG B . 30.31 -22.64 1.24
C5 NAG B . 29.07 -23.36 1.76
C6 NAG B . 29.05 -23.48 3.27
C7 NAG B . 28.41 -20.40 -2.62
C8 NAG B . 28.32 -20.42 -4.12
N2 NAG B . 28.78 -21.55 -2.05
O3 NAG B . 31.31 -21.66 -0.72
O4 NAG B . 31.47 -23.40 1.56
O5 NAG B . 27.89 -22.63 1.39
O6 NAG B . 27.92 -24.22 3.72
O7 NAG B . 28.15 -19.40 -1.97
C1 GOL C . 2.95 27.45 2.00
O1 GOL C . 1.83 27.84 2.75
C2 GOL C . 2.49 26.36 0.98
O2 GOL C . 1.37 25.66 1.41
C3 GOL C . 3.74 25.44 0.81
O3 GOL C . 4.86 26.28 0.72
C1 GOL D . -14.46 9.73 -7.41
O1 GOL D . -13.51 9.55 -6.41
C2 GOL D . -14.56 8.39 -8.15
O2 GOL D . -13.32 7.97 -8.60
C3 GOL D . -15.16 7.42 -7.11
O3 GOL D . -15.20 6.17 -7.70
C1 GOL E . -6.49 7.54 -8.01
O1 GOL E . -6.63 8.45 -9.06
C2 GOL E . -7.74 7.70 -7.13
O2 GOL E . -8.08 6.53 -6.48
C3 GOL E . -7.37 8.81 -6.16
O3 GOL E . -8.56 9.36 -5.73
C1 AKG F . 10.15 -44.96 9.59
O1 AKG F . 10.16 -43.83 10.17
O2 AKG F . 9.16 -45.72 9.77
C2 AKG F . 11.38 -45.34 8.73
O5 AKG F . 11.39 -46.22 7.90
C3 AKG F . 12.59 -44.45 9.02
C4 AKG F . 13.95 -45.17 8.95
C5 AKG F . 14.96 -44.16 9.49
O3 AKG F . 15.60 -43.41 8.69
O4 AKG F . 15.14 -44.04 10.73
FE FE2 G . 9.01 -46.66 7.55
FE FE2 H . 3.43 -43.30 15.62
MN MN I . -13.19 27.03 -5.63
C1 NAG J . 4.02 26.27 -25.77
C2 NAG J . 3.83 25.17 -26.82
C3 NAG J . 5.19 24.53 -27.15
C4 NAG J . 6.18 25.60 -27.57
C5 NAG J . 6.28 26.68 -26.50
C6 NAG J . 7.17 27.83 -26.92
C7 NAG J . 1.63 24.08 -26.82
C8 NAG J . 0.80 22.97 -26.25
N2 NAG J . 2.89 24.16 -26.37
O3 NAG J . 5.02 23.58 -28.19
O4 NAG J . 7.47 25.02 -27.78
O5 NAG J . 4.98 27.24 -26.25
O6 NAG J . 7.02 28.95 -26.06
O7 NAG J . 1.19 24.88 -27.64
#